data_1CVQ
# 
_entry.id   1CVQ 
# 
_audit_conform.dict_name       mmcif_pdbx.dic 
_audit_conform.dict_version    5.355 
_audit_conform.dict_location   http://mmcif.pdb.org/dictionaries/ascii/mmcif_pdbx.dic 
# 
loop_
_database_2.database_id 
_database_2.database_code 
_database_2.pdbx_database_accession 
_database_2.pdbx_DOI 
PDB   1CVQ         pdb_00001cvq 10.2210/pdb1cvq/pdb 
RCSB  RCSB009568   ?            ?                   
WWPDB D_1000009568 ?            ?                   
# 
loop_
_pdbx_database_related.db_name 
_pdbx_database_related.db_id 
_pdbx_database_related.details 
_pdbx_database_related.content_type 
PDB 1CS9 '1CS9 is the parent peptide of the original sequence of IRGERA.'                                                      
unspecified 
PDB 1CT6 '1CT6 is the parent peptide, an analogue peptide of the IRGERA sequence. (In this peptide, ALA was replaced by GLY).' 
unspecified 
# 
_pdbx_database_status.status_code                     REL 
_pdbx_database_status.entry_id                        1CVQ 
_pdbx_database_status.recvd_initial_deposition_date   1999-08-24 
_pdbx_database_status.deposit_site                    RCSB 
_pdbx_database_status.process_site                    RCSB 
_pdbx_database_status.SG_entry                        . 
_pdbx_database_status.pdb_format_compatible           Y 
_pdbx_database_status.status_code_mr                  ? 
_pdbx_database_status.status_code_sf                  ? 
_pdbx_database_status.status_code_cs                  ? 
_pdbx_database_status.status_code_nmr_data            ? 
_pdbx_database_status.methods_development_category    ? 
# 
loop_
_audit_author.name 
_audit_author.pdbx_ordinal 
'Phan Chan Du, A.' 1 
'Petit, M.C.'      2 
'Guichard, G.'     3 
'Briand, J.P.'     4 
'Muller, S.'       5 
'Cung, M.T.'       6 
# 
_citation.id                        primary 
_citation.title                     
;Structure of antibody-bound peptides and retro-inverso analogues. A transferred nuclear Overhauser effect spectroscopy and molecular dynamics approach.
;
_citation.journal_abbrev            Biochemistry 
_citation.journal_volume            40 
_citation.page_first                5720 
_citation.page_last                 5727 
_citation.year                      2001 
_citation.journal_id_ASTM           BICHAW 
_citation.country                   US 
_citation.journal_id_ISSN           0006-2960 
_citation.journal_id_CSD            0033 
_citation.book_publisher            ? 
_citation.pdbx_database_id_PubMed   11341837 
_citation.pdbx_database_id_DOI      10.1021/bi001151h 
# 
loop_
_citation_author.citation_id 
_citation_author.name 
_citation_author.ordinal 
_citation_author.identifier_ORCID 
primary 'Phan-Chan-Du, A.' 1 ? 
primary 'Petit, M.C.'      2 ? 
primary 'Guichard, G.'     3 ? 
primary 'Briand, J.P.'     4 ? 
primary 'Muller, S.'       5 ? 
primary 'Cung, M.T.'       6 ? 
# 
_cell.entry_id           1CVQ 
_cell.length_a           1.000 
_cell.length_b           1.000 
_cell.length_c           1.000 
_cell.angle_alpha        90.00 
_cell.angle_beta         90.00 
_cell.angle_gamma        90.00 
_cell.Z_PDB              1 
_cell.pdbx_unique_axis   ? 
# 
_symmetry.entry_id                         1CVQ 
_symmetry.space_group_name_H-M             'P 1' 
_symmetry.pdbx_full_space_group_name_H-M   ? 
_symmetry.cell_setting                     ? 
_symmetry.Int_Tables_number                1 
# 
_entity.id                         1 
_entity.type                       polymer 
_entity.src_method                 syn 
_entity.pdbx_description           'HISTONE H3' 
_entity.formula_weight             933.026 
_entity.pdbx_number_of_molecules   1 
_entity.pdbx_ec                    ? 
_entity.pdbx_mutation              ? 
_entity.pdbx_fragment              'C-TERMINAL DOMAIN 130-135' 
_entity.details                    ? 
# 
_entity_poly.entity_id                      1 
_entity_poly.type                           'polypeptide(L)' 
_entity_poly.nstd_linkage                   no 
_entity_poly.nstd_monomer                   yes 
_entity_poly.pdbx_seq_one_letter_code       '(MGG)(DGL)G(DAR)(DIL)GGC(NH2)' 
_entity_poly.pdbx_seq_one_letter_code_can   REGRIGGCX 
_entity_poly.pdbx_strand_id                 A 
_entity_poly.pdbx_target_identifier         ? 
# 
loop_
_entity_poly_seq.entity_id 
_entity_poly_seq.num 
_entity_poly_seq.mon_id 
_entity_poly_seq.hetero 
1 1 MGG n 
1 2 DGL n 
1 3 GLY n 
1 4 DAR n 
1 5 DIL n 
1 6 GLY n 
1 7 GLY n 
1 8 CYS n 
1 9 NH2 n 
# 
_pdbx_entity_src_syn.entity_id              1 
_pdbx_entity_src_syn.pdbx_src_id            1 
_pdbx_entity_src_syn.pdbx_alt_source_flag   sample 
_pdbx_entity_src_syn.pdbx_beg_seq_num       ? 
_pdbx_entity_src_syn.pdbx_end_seq_num       ? 
_pdbx_entity_src_syn.organism_scientific    ? 
_pdbx_entity_src_syn.organism_common_name   ? 
_pdbx_entity_src_syn.ncbi_taxonomy_id       ? 
_pdbx_entity_src_syn.details                
;The peptide was chemically synthesized. The sequence CGG was added as a linker to the dextran matrix in Biacore experiments via the Cys thiol group. NH2-CO was added at the C-terminal extremity of the retro-inverso peptide in order to mimic the N-terminal of the parent peptide. All non Glycine residues present a D-configuration except CYS.
;
# 
_struct_ref.id                         1 
_struct_ref.entity_id                  1 
_struct_ref.db_name                    PDB 
_struct_ref.db_code                    1CVQ 
_struct_ref.pdbx_db_accession          1CVQ 
_struct_ref.pdbx_db_isoform            ? 
_struct_ref.pdbx_seq_one_letter_code   ? 
_struct_ref.pdbx_align_begin           ? 
# 
_struct_ref_seq.align_id                      1 
_struct_ref_seq.ref_id                        1 
_struct_ref_seq.pdbx_PDB_id_code              1CVQ 
_struct_ref_seq.pdbx_strand_id                A 
_struct_ref_seq.seq_align_beg                 1 
_struct_ref_seq.pdbx_seq_align_beg_ins_code   ? 
_struct_ref_seq.seq_align_end                 9 
_struct_ref_seq.pdbx_seq_align_end_ins_code   ? 
_struct_ref_seq.pdbx_db_accession             1CVQ 
_struct_ref_seq.db_align_beg                  2 
_struct_ref_seq.pdbx_db_align_beg_ins_code    ? 
_struct_ref_seq.db_align_end                  10 
_struct_ref_seq.pdbx_db_align_end_ins_code    ? 
_struct_ref_seq.pdbx_auth_seq_align_beg       2 
_struct_ref_seq.pdbx_auth_seq_align_end       10 
# 
loop_
_chem_comp.id 
_chem_comp.type 
_chem_comp.mon_nstd_flag 
_chem_comp.name 
_chem_comp.pdbx_synonyms 
_chem_comp.formula 
_chem_comp.formula_weight 
CYS 'L-peptide linking' y CYSTEINE                                               ? 'C3 H7 N O2 S'   121.158 
DAR 'D-peptide linking' . D-ARGININE                                             ? 'C6 H15 N4 O2 1' 175.209 
DGL 'D-peptide linking' . 'D-GLUTAMIC ACID'                                      ? 'C5 H9 N O4'     147.129 
DIL 'D-peptide linking' . D-ISOLEUCINE                                           ? 'C6 H13 N O2'    131.173 
GLY 'peptide linking'   y GLYCINE                                                ? 'C2 H5 N O2'     75.067  
MGG 'L-peptide linking' n '2-(2-CARBOXY-ACETYLAMINO)-5-GUANIDINO-PENTANOIC ACID' 
'D-ARGININE WITH 3-OXO-PROPIONIC ACID MODIFICATION' 'C9 H17 N4 O5 1' 261.255 
NH2 non-polymer         . 'AMINO GROUP'                                          ? 'H2 N'           16.023  
# 
_pdbx_nmr_exptl.experiment_id   1 
_pdbx_nmr_exptl.solution_id     1 
_pdbx_nmr_exptl.conditions_id   1 
_pdbx_nmr_exptl.type            'COSY, TOCSY, NOESY' 
# 
_pdbx_nmr_exptl_sample_conditions.conditions_id       1 
_pdbx_nmr_exptl_sample_conditions.temperature         277 
_pdbx_nmr_exptl_sample_conditions.pressure            1 
_pdbx_nmr_exptl_sample_conditions.pH                  7 
_pdbx_nmr_exptl_sample_conditions.ionic_strength      '0.1M phosphate' 
_pdbx_nmr_exptl_sample_conditions.pressure_units      atm 
_pdbx_nmr_exptl_sample_conditions.temperature_units   K 
# 
_pdbx_nmr_sample_details.solution_id      1 
_pdbx_nmr_sample_details.contents         '5 mM peptide, 0.1 mM mAb; 100 mM phosphate buffer containing 0.02% sodium azide' 
_pdbx_nmr_sample_details.solvent_system   '95% H2O/5% D2O' 
# 
_pdbx_nmr_spectrometer.spectrometer_id   1 
_pdbx_nmr_spectrometer.type              ? 
_pdbx_nmr_spectrometer.manufacturer      Bruker 
_pdbx_nmr_spectrometer.model             DRX 
_pdbx_nmr_spectrometer.field_strength    400 
# 
_pdbx_nmr_refine.entry_id           1CVQ 
_pdbx_nmr_refine.method             'Energy minimisation Molecular dynamics (simulated Annealing)' 
_pdbx_nmr_refine.details            
;The structures are based on a set of 35 to 60 backbone-backbone, backbone-side chain and side chain-side chain distance restraints. The phi angle for the non glycine D-residues was constrained between 0 and 175. A distance dependent dielectric constant equal to 4r was applied. The net electric charges were decreased, while those of the N and C terminal charged groups were neglected.
;
_pdbx_nmr_refine.software_ordinal   1 
# 
_pdbx_nmr_details.entry_id   1CVQ 
_pdbx_nmr_details.text       'THE PEPTIDE/MAB MOLAR RATIO WAS ADJUSTED TO 50/1 (I.E. 5 MM OF PEPTIDE AND 0.1 MM MAB).' 
# 
_pdbx_nmr_ensemble.entry_id                                      1CVQ 
_pdbx_nmr_ensemble.conformers_calculated_total_number            50 
_pdbx_nmr_ensemble.conformers_submitted_total_number             7 
_pdbx_nmr_ensemble.conformer_selection_criteria                  'structures with the lowest energy' 
_pdbx_nmr_ensemble.average_constraints_per_residue               ? 
_pdbx_nmr_ensemble.average_constraint_violations_per_residue     ? 
_pdbx_nmr_ensemble.maximum_distance_constraint_violation         ? 
_pdbx_nmr_ensemble.average_distance_constraint_violation         ? 
_pdbx_nmr_ensemble.maximum_upper_distance_constraint_violation   ? 
_pdbx_nmr_ensemble.maximum_lower_distance_constraint_violation   ? 
_pdbx_nmr_ensemble.distance_constraint_violation_method          ? 
_pdbx_nmr_ensemble.maximum_torsion_angle_constraint_violation    ? 
_pdbx_nmr_ensemble.average_torsion_angle_constraint_violation    ? 
_pdbx_nmr_ensemble.torsion_angle_constraint_violation_method     ? 
# 
_pdbx_nmr_representative.entry_id             1CVQ 
_pdbx_nmr_representative.conformer_id         7 
_pdbx_nmr_representative.selection_criteria   'lowest energy' 
# 
loop_
_pdbx_nmr_software.name 
_pdbx_nmr_software.version 
_pdbx_nmr_software.classification 
_pdbx_nmr_software.authors 
_pdbx_nmr_software.ordinal 
DYANA    1.4 'structure solution' 'Guntert, Wuthrich'                         1 
Discover 3   'structure solution' 'Molecular Simulations Inc., San Diego, CA' 2 
Discover 3   refinement           'Molecular Simulations Inc., San Diego, CA' 3 
XwinNMR  1.2 collection           Bruker                                      4 
# 
_exptl.entry_id          1CVQ 
_exptl.method            'SOLUTION NMR' 
_exptl.crystals_number   ? 
# 
_struct.entry_id                  1CVQ 
_struct.title                     
'SOLUTION STRUCTURE OF THE ANALOGUE RETRO-INVERSO MGREGRIGGC IN CONTACT WITH THE MONOCLONAL ANTIBODY MAB 4X11, NMR, 7 STRUCTURES' 
_struct.pdbx_model_details        ? 
_struct.pdbx_CASP_flag            ? 
_struct.pdbx_model_type_details   ? 
# 
_struct_keywords.entry_id        1CVQ 
_struct_keywords.pdbx_keywords   'DNA BINDING PROTEIN' 
_struct_keywords.text            
'PSEUDOMIMETIC, SYNTHETIC PEPTIDE, RETRO-INVERSO ANALOGUE, TR-NOE, ANTIGEN- ANTIBODY COMPLEX, DNA BINDING PROTEIN' 
# 
_struct_asym.id                            A 
_struct_asym.pdbx_blank_PDB_chainid_flag   N 
_struct_asym.pdbx_modified                 N 
_struct_asym.entity_id                     1 
_struct_asym.details                       ? 
# 
_struct_biol.id   1 
# 
loop_
_struct_conn.id 
_struct_conn.conn_type_id 
_struct_conn.pdbx_leaving_atom_flag 
_struct_conn.pdbx_PDB_id 
_struct_conn.ptnr1_label_asym_id 
_struct_conn.ptnr1_label_comp_id 
_struct_conn.ptnr1_label_seq_id 
_struct_conn.ptnr1_label_atom_id 
_struct_conn.pdbx_ptnr1_label_alt_id 
_struct_conn.pdbx_ptnr1_PDB_ins_code 
_struct_conn.pdbx_ptnr1_standard_comp_id 
_struct_conn.ptnr1_symmetry 
_struct_conn.ptnr2_label_asym_id 
_struct_conn.ptnr2_label_comp_id 
_struct_conn.ptnr2_label_seq_id 
_struct_conn.ptnr2_label_atom_id 
_struct_conn.pdbx_ptnr2_label_alt_id 
_struct_conn.pdbx_ptnr2_PDB_ins_code 
_struct_conn.ptnr1_auth_asym_id 
_struct_conn.ptnr1_auth_comp_id 
_struct_conn.ptnr1_auth_seq_id 
_struct_conn.ptnr2_auth_asym_id 
_struct_conn.ptnr2_auth_comp_id 
_struct_conn.ptnr2_auth_seq_id 
_struct_conn.ptnr2_symmetry 
_struct_conn.pdbx_ptnr3_label_atom_id 
_struct_conn.pdbx_ptnr3_label_seq_id 
_struct_conn.pdbx_ptnr3_label_comp_id 
_struct_conn.pdbx_ptnr3_label_asym_id 
_struct_conn.pdbx_ptnr3_label_alt_id 
_struct_conn.pdbx_ptnr3_PDB_ins_code 
_struct_conn.details 
_struct_conn.pdbx_dist_value 
_struct_conn.pdbx_value_order 
_struct_conn.pdbx_role 
covale1 covale both ? A MGG 1 C ? ? ? 1_555 A DGL 2 N ? ? A MGG 2 A DGL 3  1_555 ? ? ? ? ? ? ? 1.358 ? ? 
covale2 covale both ? A DGL 2 C ? ? ? 1_555 A GLY 3 N ? ? A DGL 3 A GLY 4  1_555 ? ? ? ? ? ? ? 1.346 ? ? 
covale3 covale both ? A GLY 3 C ? ? ? 1_555 A DAR 4 N ? ? A GLY 4 A DAR 5  1_555 ? ? ? ? ? ? ? 1.350 ? ? 
covale4 covale both ? A DAR 4 C ? ? ? 1_555 A DIL 5 N ? ? A DAR 5 A DIL 6  1_555 ? ? ? ? ? ? ? 1.348 ? ? 
covale5 covale both ? A DIL 5 C ? ? ? 1_555 A GLY 6 N ? ? A DIL 6 A GLY 7  1_555 ? ? ? ? ? ? ? 1.342 ? ? 
covale6 covale both ? A CYS 8 C ? ? ? 1_555 A NH2 9 N ? ? A CYS 9 A NH2 10 1_555 ? ? ? ? ? ? ? 1.330 ? ? 
# 
_struct_conn_type.id          covale 
_struct_conn_type.criteria    ? 
_struct_conn_type.reference   ? 
# 
_struct_site.id                   AC1 
_struct_site.pdbx_evidence_code   Software 
_struct_site.pdbx_auth_asym_id    A 
_struct_site.pdbx_auth_comp_id    NH2 
_struct_site.pdbx_auth_seq_id     10 
_struct_site.pdbx_auth_ins_code   ? 
_struct_site.pdbx_num_residues    1 
_struct_site.details              'BINDING SITE FOR RESIDUE NH2 A 10' 
# 
_struct_site_gen.id                   1 
_struct_site_gen.site_id              AC1 
_struct_site_gen.pdbx_num_res         1 
_struct_site_gen.label_comp_id        CYS 
_struct_site_gen.label_asym_id        A 
_struct_site_gen.label_seq_id         8 
_struct_site_gen.pdbx_auth_ins_code   ? 
_struct_site_gen.auth_comp_id         CYS 
_struct_site_gen.auth_asym_id         A 
_struct_site_gen.auth_seq_id          9 
_struct_site_gen.label_atom_id        . 
_struct_site_gen.label_alt_id         ? 
_struct_site_gen.symmetry             1_555 
_struct_site_gen.details              ? 
# 
_atom_sites.entry_id                    1CVQ 
_atom_sites.fract_transf_matrix[1][1]   1.000000 
_atom_sites.fract_transf_matrix[1][2]   0.000000 
_atom_sites.fract_transf_matrix[1][3]   0.000000 
_atom_sites.fract_transf_matrix[2][1]   0.000000 
_atom_sites.fract_transf_matrix[2][2]   1.000000 
_atom_sites.fract_transf_matrix[2][3]   0.000000 
_atom_sites.fract_transf_matrix[3][1]   0.000000 
_atom_sites.fract_transf_matrix[3][2]   0.000000 
_atom_sites.fract_transf_matrix[3][3]   1.000000 
_atom_sites.fract_transf_vector[1]      0.00000 
_atom_sites.fract_transf_vector[2]      0.00000 
_atom_sites.fract_transf_vector[3]      0.00000 
# 
loop_
_atom_type.symbol 
C 
H 
N 
O 
S 
# 
loop_
_atom_site.group_PDB 
_atom_site.id 
_atom_site.type_symbol 
_atom_site.label_atom_id 
_atom_site.label_alt_id 
_atom_site.label_comp_id 
_atom_site.label_asym_id 
_atom_site.label_entity_id 
_atom_site.label_seq_id 
_atom_site.pdbx_PDB_ins_code 
_atom_site.Cartn_x 
_atom_site.Cartn_y 
_atom_site.Cartn_z 
_atom_site.occupancy 
_atom_site.B_iso_or_equiv 
_atom_site.pdbx_formal_charge 
_atom_site.auth_seq_id 
_atom_site.auth_comp_id 
_atom_site.auth_asym_id 
_atom_site.auth_atom_id 
_atom_site.pdbx_PDB_model_num 
HETATM 1   N N    . MGG A 1 1 ? -4.013  2.612   -3.388 1.00 0.00 ? 2  MGG A N    1 
HETATM 2   C CA   . MGG A 1 1 ? -3.691  1.278   -2.797 1.00 0.00 ? 2  MGG A CA   1 
HETATM 3   C CB   . MGG A 1 1 ? -4.519  0.168   -3.504 1.00 0.00 ? 2  MGG A CB   1 
HETATM 4   C CG   . MGG A 1 1 ? -4.016  -1.268  -3.222 1.00 0.00 ? 2  MGG A CG   1 
HETATM 5   C CD   . MGG A 1 1 ? -4.818  -2.348  -3.969 1.00 0.00 ? 2  MGG A CD   1 
HETATM 6   N NE   . MGG A 1 1 ? -4.267  -3.697  -3.687 1.00 0.00 ? 2  MGG A NE   1 
HETATM 7   C CZ   . MGG A 1 1 ? -4.761  -4.843  -4.193 1.00 0.00 ? 2  MGG A CZ   1 
HETATM 8   N NH1  . MGG A 1 1 ? -5.813  -4.906  -5.005 1.00 0.00 ? 2  MGG A NH1  1 
HETATM 9   N NH2  . MGG A 1 1 ? -4.165  -5.973  -3.863 1.00 0.00 ? 2  MGG A NH2  1 
HETATM 10  C C3   . MGG A 1 1 ? -3.229  3.691   -3.211 1.00 0.00 ? 2  MGG A C3   1 
HETATM 11  O O3   . MGG A 1 1 ? -2.190  3.679   -2.548 1.00 0.00 ? 2  MGG A O3   1 
HETATM 12  C C2   . MGG A 1 1 ? -3.689  4.995   -3.875 1.00 0.00 ? 2  MGG A C2   1 
HETATM 13  C C1   . MGG A 1 1 ? -4.367  5.916   -2.858 1.00 0.00 ? 2  MGG A C1   1 
HETATM 14  O O12  . MGG A 1 1 ? -5.583  5.956   -2.682 1.00 0.00 ? 2  MGG A O12  1 
HETATM 15  O O1   . MGG A 1 1 ? -3.466  6.686   -2.171 1.00 0.00 ? 2  MGG A O1   1 
HETATM 16  C C    . MGG A 1 1 ? -3.757  1.247   -1.233 1.00 0.00 ? 2  MGG A C    1 
HETATM 17  O O    . MGG A 1 1 ? -2.694  1.117   -0.622 1.00 0.00 ? 2  MGG A O    1 
HETATM 18  H H    . MGG A 1 1 ? -4.693  2.729   -4.151 1.00 0.00 ? 2  MGG A H    1 
HETATM 19  H HA   . MGG A 1 1 ? -2.636  1.071   -3.066 1.00 0.00 ? 2  MGG A HA   1 
HETATM 20  H HB2  . MGG A 1 1 ? -4.493  0.332   -4.599 1.00 0.00 ? 2  MGG A HB2  1 
HETATM 21  H HB3  . MGG A 1 1 ? -5.587  0.258   -3.222 1.00 0.00 ? 2  MGG A HB3  1 
HETATM 22  H HG2  . MGG A 1 1 ? -4.056  -1.466  -2.132 1.00 0.00 ? 2  MGG A HG2  1 
HETATM 23  H HG3  . MGG A 1 1 ? -2.946  -1.340  -3.499 1.00 0.00 ? 2  MGG A HG3  1 
HETATM 24  H HD2  . MGG A 1 1 ? -4.791  -2.152  -5.059 1.00 0.00 ? 2  MGG A HD2  1 
HETATM 25  H HD3  . MGG A 1 1 ? -5.882  -2.303  -3.667 1.00 0.00 ? 2  MGG A HD3  1 
HETATM 26  H HE   . MGG A 1 1 ? -3.450  -3.823  -3.080 1.00 0.00 ? 2  MGG A HE   1 
HETATM 27  H HH11 . MGG A 1 1 ? -6.093  -5.840  -5.323 1.00 0.00 ? 2  MGG A HH11 1 
HETATM 28  H HH12 . MGG A 1 1 ? -6.258  -4.014  -5.245 1.00 0.00 ? 2  MGG A HH12 1 
HETATM 29  H HH21 . MGG A 1 1 ? -4.557  -6.833  -4.261 1.00 0.00 ? 2  MGG A HH21 1 
HETATM 30  H HH22 . MGG A 1 1 ? -3.352  -5.898  -3.242 1.00 0.00 ? 2  MGG A HH22 1 
HETATM 31  H H21  . MGG A 1 1 ? -4.378  4.805   -4.720 1.00 0.00 ? 2  MGG A H21  1 
HETATM 32  H H22  . MGG A 1 1 ? -2.815  5.507   -4.318 1.00 0.00 ? 2  MGG A H22  1 
HETATM 33  H H1   . MGG A 1 1 ? -3.909  7.250   -1.532 1.00 0.00 ? 2  MGG A H1   1 
HETATM 34  N N    . DGL A 1 2 ? -4.941  1.380   -0.582 1.00 0.00 ? 3  DGL A N    1 
HETATM 35  C CA   . DGL A 1 2 ? -5.065  1.369   0.912  1.00 0.00 ? 3  DGL A CA   1 
HETATM 36  C C    . DGL A 1 2 ? -4.122  2.319   1.730  1.00 0.00 ? 3  DGL A C    1 
HETATM 37  O O    . DGL A 1 2 ? -3.634  1.914   2.790  1.00 0.00 ? 3  DGL A O    1 
HETATM 38  C CB   . DGL A 1 2 ? -6.557  1.478   1.334  1.00 0.00 ? 3  DGL A CB   1 
HETATM 39  C CG   . DGL A 1 2 ? -7.287  2.807   1.022  1.00 0.00 ? 3  DGL A CG   1 
HETATM 40  C CD   . DGL A 1 2 ? -8.754  2.796   1.455  1.00 0.00 ? 3  DGL A CD   1 
HETATM 41  O OE1  . DGL A 1 2 ? -9.622  2.407   0.643  1.00 0.00 ? 3  DGL A OE1  1 
HETATM 42  O OE2  . DGL A 1 2 ? -9.046  3.176   2.609  1.00 0.00 ? 3  DGL A OE2  1 
HETATM 43  H H    . DGL A 1 2 ? -5.784  1.335   -1.161 1.00 0.00 ? 3  DGL A H    1 
HETATM 44  H HA   . DGL A 1 2 ? -4.759  0.351   1.215  1.00 0.00 ? 3  DGL A HA   1 
HETATM 45  H HB2  . DGL A 1 2 ? -6.630  1.278   2.420  1.00 0.00 ? 3  DGL A HB2  1 
HETATM 46  H HB3  . DGL A 1 2 ? -7.117  0.644   0.865  1.00 0.00 ? 3  DGL A HB3  1 
HETATM 47  H HG2  . DGL A 1 2 ? -7.232  3.027   -0.062 1.00 0.00 ? 3  DGL A HG2  1 
HETATM 48  H HG3  . DGL A 1 2 ? -6.774  3.651   1.519  1.00 0.00 ? 3  DGL A HG3  1 
ATOM   49  N N    . GLY A 1 3 ? -3.885  3.553   1.248  1.00 0.00 ? 4  GLY A N    1 
ATOM   50  C CA   . GLY A 1 3 ? -2.961  4.513   1.909  1.00 0.00 ? 4  GLY A CA   1 
ATOM   51  C C    . GLY A 1 3 ? -1.438  4.322   1.646  1.00 0.00 ? 4  GLY A C    1 
ATOM   52  O O    . GLY A 1 3 ? -0.633  4.846   2.421  1.00 0.00 ? 4  GLY A O    1 
ATOM   53  H H    . GLY A 1 3 ? -4.235  3.693   0.295  1.00 0.00 ? 4  GLY A H    1 
ATOM   54  H HA2  . GLY A 1 3 ? -3.234  5.531   1.579  1.00 0.00 ? 4  GLY A HA2  1 
ATOM   55  H HA3  . GLY A 1 3 ? -3.139  4.517   3.002  1.00 0.00 ? 4  GLY A HA3  1 
HETATM 56  N N    . DAR A 1 4 ? -1.044  3.617   0.564  1.00 0.00 ? 5  DAR A N    1 
HETATM 57  C CA   . DAR A 1 4 ? 0.370   3.347   0.210  1.00 0.00 ? 5  DAR A CA   1 
HETATM 58  C CB   . DAR A 1 4 ? 0.904   4.450   -0.746 1.00 0.00 ? 5  DAR A CB   1 
HETATM 59  C CG   . DAR A 1 4 ? 2.414   4.343   -1.068 1.00 0.00 ? 5  DAR A CG   1 
HETATM 60  C CD   . DAR A 1 4 ? 2.942   5.422   -2.035 1.00 0.00 ? 5  DAR A CD   1 
HETATM 61  N NE   . DAR A 1 4 ? 2.988   6.770   -1.416 1.00 0.00 ? 5  DAR A NE   1 
HETATM 62  C CZ   . DAR A 1 4 ? 3.354   7.893   -2.060 1.00 0.00 ? 5  DAR A CZ   1 
HETATM 63  N NH1  . DAR A 1 4 ? 3.340   9.027   -1.385 1.00 0.00 ? 5  DAR A NH1  1 
HETATM 64  N NH2  . DAR A 1 4 ? 3.730   7.931   -3.336 1.00 0.00 ? 5  DAR A NH2  1 
HETATM 65  C C    . DAR A 1 4 ? 0.379   1.913   -0.393 1.00 0.00 ? 5  DAR A C    1 
HETATM 66  O O    . DAR A 1 4 ? 0.125   1.719   -1.588 1.00 0.00 ? 5  DAR A O    1 
HETATM 67  H H    . DAR A 1 4 ? -1.808  3.126   0.081  1.00 0.00 ? 5  DAR A H    1 
HETATM 68  H HA   . DAR A 1 4 ? 0.995   3.362   1.128  1.00 0.00 ? 5  DAR A HA   1 
HETATM 69  H HB2  . DAR A 1 4 ? 0.711   5.441   -0.293 1.00 0.00 ? 5  DAR A HB2  1 
HETATM 70  H HB3  . DAR A 1 4 ? 0.321   4.443   -1.689 1.00 0.00 ? 5  DAR A HB3  1 
HETATM 71  H HG2  . DAR A 1 4 ? 2.613   3.353   -1.521 1.00 0.00 ? 5  DAR A HG2  1 
HETATM 72  H HG3  . DAR A 1 4 ? 3.004   4.353   -0.132 1.00 0.00 ? 5  DAR A HG3  1 
HETATM 73  H HD2  . DAR A 1 4 ? 2.324   5.435   -2.953 1.00 0.00 ? 5  DAR A HD2  1 
HETATM 74  H HD3  . DAR A 1 4 ? 3.962   5.138   -2.362 1.00 0.00 ? 5  DAR A HD3  1 
HETATM 75  H HE   . DAR A 1 4 ? 2.724   6.913   -0.435 1.00 0.00 ? 5  DAR A HE   1 
HETATM 76  H HH11 . DAR A 1 4 ? 3.622   9.871   -1.895 1.00 0.00 ? 5  DAR A HH11 1 
HETATM 77  H HH12 . DAR A 1 4 ? 3.045   8.971   -0.403 1.00 0.00 ? 5  DAR A HH12 1 
HETATM 78  H HH21 . DAR A 1 4 ? 3.987   8.849   -3.715 1.00 0.00 ? 5  DAR A HH21 1 
HETATM 79  H HH22 . DAR A 1 4 ? 3.732   7.036   -3.837 1.00 0.00 ? 5  DAR A HH22 1 
HETATM 80  N N    . DIL A 1 5 ? 0.688   0.911   0.454  1.00 0.00 ? 6  DIL A N    1 
HETATM 81  C CA   . DIL A 1 5 ? 0.719   -0.530  0.054  1.00 0.00 ? 6  DIL A CA   1 
HETATM 82  C C    . DIL A 1 5 ? 1.937   -0.832  -0.878 1.00 0.00 ? 6  DIL A C    1 
HETATM 83  O O    . DIL A 1 5 ? 1.751   -1.041  -2.081 1.00 0.00 ? 6  DIL A O    1 
HETATM 84  C CB   . DIL A 1 5 ? 0.551   -1.472  1.312  1.00 0.00 ? 6  DIL A CB   1 
HETATM 85  C CG1  . DIL A 1 5 ? -0.709  -1.203  2.196  1.00 0.00 ? 6  DIL A CG1  1 
HETATM 86  C CG2  . DIL A 1 5 ? 0.630   -2.987  0.978  1.00 0.00 ? 6  DIL A CG2  1 
HETATM 87  C CD1  . DIL A 1 5 ? -2.086  -1.509  1.580  1.00 0.00 ? 6  DIL A CD1  1 
HETATM 88  H H    . DIL A 1 5 ? 0.804   1.209   1.428  1.00 0.00 ? 6  DIL A H    1 
HETATM 89  H HA   . DIL A 1 5 ? -0.169  -0.719  -0.570 1.00 0.00 ? 6  DIL A HA   1 
HETATM 90  H HB   . DIL A 1 5 ? 1.418   -1.269  1.971  1.00 0.00 ? 6  DIL A HB   1 
HETATM 91  H HG12 . DIL A 1 5 ? -0.706  -0.147  2.526  1.00 0.00 ? 6  DIL A HG12 1 
HETATM 92  H HG13 . DIL A 1 5 ? -0.619  -1.775  3.139  1.00 0.00 ? 6  DIL A HG13 1 
HETATM 93  H HG21 . DIL A 1 5 ? 1.599   -3.268  0.530  1.00 0.00 ? 6  DIL A HG21 1 
HETATM 94  H HG22 . DIL A 1 5 ? -0.158  -3.296  0.266  1.00 0.00 ? 6  DIL A HG22 1 
HETATM 95  H HG23 . DIL A 1 5 ? 0.514   -3.615  1.883  1.00 0.00 ? 6  DIL A HG23 1 
HETATM 96  H HD11 . DIL A 1 5 ? -2.235  -0.985  0.622  1.00 0.00 ? 6  DIL A HD11 1 
HETATM 97  H HD12 . DIL A 1 5 ? -2.903  -1.193  2.255  1.00 0.00 ? 6  DIL A HD12 1 
HETATM 98  H HD13 . DIL A 1 5 ? -2.221  -2.590  1.388  1.00 0.00 ? 6  DIL A HD13 1 
ATOM   99  N N    . GLY A 1 6 ? 3.157   -0.859  -0.320 1.00 0.00 ? 7  GLY A N    1 
ATOM   100 C CA   . GLY A 1 6 ? 4.396   -1.141  -1.089 1.00 0.00 ? 7  GLY A CA   1 
ATOM   101 C C    . GLY A 1 6 ? 4.717   -2.657  -1.310 1.00 0.00 ? 7  GLY A C    1 
ATOM   102 O O    . GLY A 1 6 ? 5.882   -3.008  -1.109 1.00 0.00 ? 7  GLY A O    1 
ATOM   103 H H    . GLY A 1 6 ? 3.129   -0.668  0.685  1.00 0.00 ? 7  GLY A H    1 
ATOM   104 H HA2  . GLY A 1 6 ? 4.429   -0.566  -2.037 1.00 0.00 ? 7  GLY A HA2  1 
ATOM   105 H HA3  . GLY A 1 6 ? 5.238   -0.667  -0.530 1.00 0.00 ? 7  GLY A HA3  1 
ATOM   106 N N    . GLY A 1 7 ? 3.774   -3.557  -1.721 1.00 0.00 ? 8  GLY A N    1 
ATOM   107 C CA   . GLY A 1 7 ? 4.080   -4.991  -1.917 1.00 0.00 ? 8  GLY A CA   1 
ATOM   108 C C    . GLY A 1 7 ? 2.806   -5.823  -1.692 1.00 0.00 ? 8  GLY A C    1 
ATOM   109 O O    . GLY A 1 7 ? 2.525   -6.212  -0.556 1.00 0.00 ? 8  GLY A O    1 
ATOM   110 H H    . GLY A 1 7 ? 2.789   -3.281  -1.867 1.00 0.00 ? 8  GLY A H    1 
ATOM   111 H HA2  . GLY A 1 7 ? 4.498   -5.154  -2.930 1.00 0.00 ? 8  GLY A HA2  1 
ATOM   112 H HA3  . GLY A 1 7 ? 4.857   -5.340  -1.211 1.00 0.00 ? 8  GLY A HA3  1 
ATOM   113 N N    . CYS A 1 8 ? 2.054   -6.085  -2.782 1.00 0.00 ? 9  CYS A N    1 
ATOM   114 C CA   . CYS A 1 8 ? 0.782   -6.862  -2.761 1.00 0.00 ? 9  CYS A CA   1 
ATOM   115 C C    . CYS A 1 8 ? -0.415  -6.055  -2.168 1.00 0.00 ? 9  CYS A C    1 
ATOM   116 O O    . CYS A 1 8 ? -1.113  -5.348  -2.895 1.00 0.00 ? 9  CYS A O    1 
ATOM   117 C CB   . CYS A 1 8 ? 0.945   -8.328  -2.283 1.00 0.00 ? 9  CYS A CB   1 
ATOM   118 S SG   . CYS A 1 8 ? -0.575  -9.274  -2.623 1.00 0.00 ? 9  CYS A SG   1 
ATOM   119 H H    . CYS A 1 8 ? 2.423   -5.691  -3.654 1.00 0.00 ? 9  CYS A H    1 
ATOM   120 H HA   . CYS A 1 8 ? 0.525   -6.971  -3.831 1.00 0.00 ? 9  CYS A HA   1 
ATOM   121 H HB2  . CYS A 1 8 ? 1.791   -8.820  -2.796 1.00 0.00 ? 9  CYS A HB2  1 
ATOM   122 H HB3  . CYS A 1 8 ? 1.165   -8.373  -1.199 1.00 0.00 ? 9  CYS A HB3  1 
ATOM   123 H HG   . CYS A 1 8 ? -0.155  -10.417 -2.087 1.00 0.00 ? 9  CYS A HG   1 
HETATM 124 N N    . NH2 A 1 9 ? -0.697  -6.116  -0.870 1.00 0.00 ? 10 NH2 A N    1 
HETATM 125 H HN1  . NH2 A 1 9 ? -0.092  -6.715  -0.297 1.00 0.00 ? 10 NH2 A HN1  1 
HETATM 126 H HN2  . NH2 A 1 9 ? -1.495  -5.560  -0.545 1.00 0.00 ? 10 NH2 A HN2  1 
HETATM 127 N N    . MGG A 1 1 ? -4.175  2.904   -3.337 1.00 0.00 ? 2  MGG A N    2 
HETATM 128 C CA   . MGG A 1 1 ? -4.025  1.480   -2.911 1.00 0.00 ? 2  MGG A CA   2 
HETATM 129 C CB   . MGG A 1 1 ? -5.152  0.629   -3.564 1.00 0.00 ? 2  MGG A CB   2 
HETATM 130 C CG   . MGG A 1 1 ? -4.955  -0.902  -3.435 1.00 0.00 ? 2  MGG A CG   2 
HETATM 131 C CD   . MGG A 1 1 ? -6.170  -1.747  -3.865 1.00 0.00 ? 2  MGG A CD   2 
HETATM 132 N NE   . MGG A 1 1 ? -7.281  -1.657  -2.883 1.00 0.00 ? 2  MGG A NE   2 
HETATM 133 C CZ   . MGG A 1 1 ? -8.449  -2.317  -2.985 1.00 0.00 ? 2  MGG A CZ   2 
HETATM 134 N NH1  . MGG A 1 1 ? -8.753  -3.139  -3.986 1.00 0.00 ? 2  MGG A NH1  2 
HETATM 135 N NH2  . MGG A 1 1 ? -9.346  -2.139  -2.034 1.00 0.00 ? 2  MGG A NH2  2 
HETATM 136 C C3   . MGG A 1 1 ? -3.170  3.795   -3.268 1.00 0.00 ? 2  MGG A C3   2 
HETATM 137 O O3   . MGG A 1 1 ? -2.047  3.523   -2.836 1.00 0.00 ? 2  MGG A O3   2 
HETATM 138 C C2   . MGG A 1 1 ? -3.479  5.219   -3.747 1.00 0.00 ? 2  MGG A C2   2 
HETATM 139 C C1   . MGG A 1 1 ? -2.865  5.504   -5.117 1.00 0.00 ? 2  MGG A C1   2 
HETATM 140 O O12  . MGG A 1 1 ? -1.836  6.160   -5.274 1.00 0.00 ? 2  MGG A O12  2 
HETATM 141 O O1   . MGG A 1 1 ? -3.597  4.955   -6.136 1.00 0.00 ? 2  MGG A O1   2 
HETATM 142 C C    . MGG A 1 1 ? -3.882  1.321   -1.358 1.00 0.00 ? 2  MGG A C    2 
HETATM 143 O O    . MGG A 1 1 ? -2.751  1.172   -0.889 1.00 0.00 ? 2  MGG A O    2 
HETATM 144 H H    . MGG A 1 1 ? -4.986  3.240   -3.870 1.00 0.00 ? 2  MGG A H    2 
HETATM 145 H HA   . MGG A 1 1 ? -3.076  1.110   -3.350 1.00 0.00 ? 2  MGG A HA   2 
HETATM 146 H HB2  . MGG A 1 1 ? -5.235  0.875   -4.640 1.00 0.00 ? 2  MGG A HB2  2 
HETATM 147 H HB3  . MGG A 1 1 ? -6.126  0.924   -3.128 1.00 0.00 ? 2  MGG A HB3  2 
HETATM 148 H HG2  . MGG A 1 1 ? -4.674  -1.174  -2.398 1.00 0.00 ? 2  MGG A HG2  2 
HETATM 149 H HG3  . MGG A 1 1 ? -4.082  -1.197  -4.047 1.00 0.00 ? 2  MGG A HG3  2 
HETATM 150 H HD2  . MGG A 1 1 ? -5.851  -2.803  -3.960 1.00 0.00 ? 2  MGG A HD2  2 
HETATM 151 H HD3  . MGG A 1 1 ? -6.514  -1.439  -4.870 1.00 0.00 ? 2  MGG A HD3  2 
HETATM 152 H HE   . MGG A 1 1 ? -7.206  -1.063  -2.049 1.00 0.00 ? 2  MGG A HE   2 
HETATM 153 H HH11 . MGG A 1 1 ? -9.675  -3.584  -3.952 1.00 0.00 ? 2  MGG A HH11 2 
HETATM 154 H HH12 . MGG A 1 1 ? -8.037  -3.261  -4.712 1.00 0.00 ? 2  MGG A HH12 2 
HETATM 155 H HH21 . MGG A 1 1 ? -10.227 -2.652  -2.135 1.00 0.00 ? 2  MGG A HH21 2 
HETATM 156 H HH22 . MGG A 1 1 ? -9.088  -1.500  -1.274 1.00 0.00 ? 2  MGG A HH22 2 
HETATM 157 H H21  . MGG A 1 1 ? -3.070  5.936   -3.011 1.00 0.00 ? 2  MGG A H21  2 
HETATM 158 H H22  . MGG A 1 1 ? -4.567  5.422   -3.772 1.00 0.00 ? 2  MGG A H22  2 
HETATM 159 H H1   . MGG A 1 1 ? -4.352  4.466   -5.802 1.00 0.00 ? 2  MGG A H1   2 
HETATM 160 N N    . DGL A 1 2 ? -4.984  1.376   -0.569 1.00 0.00 ? 3  DGL A N    2 
HETATM 161 C CA   . DGL A 1 2 ? -4.947  1.229   0.921  1.00 0.00 ? 3  DGL A CA   2 
HETATM 162 C C    . DGL A 1 2 ? -3.982  2.180   1.703  1.00 0.00 ? 3  DGL A C    2 
HETATM 163 O O    . DGL A 1 2 ? -3.387  1.745   2.693  1.00 0.00 ? 3  DGL A O    2 
HETATM 164 C CB   . DGL A 1 2 ? -6.391  1.297   1.495  1.00 0.00 ? 3  DGL A CB   2 
HETATM 165 C CG   . DGL A 1 2 ? -7.318  0.129   1.079  1.00 0.00 ? 3  DGL A CG   2 
HETATM 166 C CD   . DGL A 1 2 ? -8.729  0.249   1.660  1.00 0.00 ? 3  DGL A CD   2 
HETATM 167 O OE1  . DGL A 1 2 ? -9.622  0.788   0.971  1.00 0.00 ? 3  DGL A OE1  2 
HETATM 168 O OE2  . DGL A 1 2 ? -8.951  -0.199  2.806  1.00 0.00 ? 3  DGL A OE2  2 
HETATM 169 H H    . DGL A 1 2 ? -5.882  1.387   -1.063 1.00 0.00 ? 3  DGL A H    2 
HETATM 170 H HA   . DGL A 1 2 ? -4.572  0.209   1.123  1.00 0.00 ? 3  DGL A HA   2 
HETATM 171 H HB2  . DGL A 1 2 ? -6.856  2.263   1.217  1.00 0.00 ? 3  DGL A HB2  2 
HETATM 172 H HB3  . DGL A 1 2 ? -6.342  1.311   2.601  1.00 0.00 ? 3  DGL A HB3  2 
HETATM 173 H HG2  . DGL A 1 2 ? -6.878  -0.835  1.397  1.00 0.00 ? 3  DGL A HG2  2 
HETATM 174 H HG3  . DGL A 1 2 ? -7.392  0.071   -0.022 1.00 0.00 ? 3  DGL A HG3  2 
ATOM   175 N N    . GLY A 1 3 ? -3.845  3.451   1.281  1.00 0.00 ? 4  GLY A N    2 
ATOM   176 C CA   . GLY A 1 3 ? -2.910  4.414   1.919  1.00 0.00 ? 4  GLY A CA   2 
ATOM   177 C C    . GLY A 1 3 ? -1.399  4.266   1.569  1.00 0.00 ? 4  GLY A C    2 
ATOM   178 O O    . GLY A 1 3 ? -0.568  4.792   2.315  1.00 0.00 ? 4  GLY A O    2 
ATOM   179 H H    . GLY A 1 3 ? -4.243  3.613   0.350  1.00 0.00 ? 4  GLY A H    2 
ATOM   180 H HA2  . GLY A 1 3 ? -3.221  5.435   1.635  1.00 0.00 ? 4  GLY A HA2  2 
ATOM   181 H HA3  . GLY A 1 3 ? -3.028  4.381   3.019  1.00 0.00 ? 4  GLY A HA3  2 
HETATM 182 N N    . DAR A 1 4 ? -1.047  3.601   0.449  1.00 0.00 ? 5  DAR A N    2 
HETATM 183 C CA   . DAR A 1 4 ? 0.358   3.374   0.024  1.00 0.00 ? 5  DAR A CA   2 
HETATM 184 C CB   . DAR A 1 4 ? 0.780   4.460   -1.003 1.00 0.00 ? 5  DAR A CB   2 
HETATM 185 C CG   . DAR A 1 4 ? 2.277   4.441   -1.393 1.00 0.00 ? 5  DAR A CG   2 
HETATM 186 C CD   . DAR A 1 4 ? 2.657   5.413   -2.531 1.00 0.00 ? 5  DAR A CD   2 
HETATM 187 N NE   . DAR A 1 4 ? 2.581   6.849   -2.148 1.00 0.00 ? 5  DAR A NE   2 
HETATM 188 C CZ   . DAR A 1 4 ? 1.574   7.687   -2.471 1.00 0.00 ? 5  DAR A CZ   2 
HETATM 189 N NH1  . DAR A 1 4 ? 1.659   8.938   -2.060 1.00 0.00 ? 5  DAR A NH1  2 
HETATM 190 N NH2  . DAR A 1 4 ? 0.500   7.333   -3.171 1.00 0.00 ? 5  DAR A NH2  2 
HETATM 191 C C    . DAR A 1 4 ? 0.402   1.915   -0.517 1.00 0.00 ? 5  DAR A C    2 
HETATM 192 O O    . DAR A 1 4 ? 0.205   1.664   -1.712 1.00 0.00 ? 5  DAR A O    2 
HETATM 193 H H    . DAR A 1 4 ? -1.820  3.087   0.004  1.00 0.00 ? 5  DAR A H    2 
HETATM 194 H HA   . DAR A 1 4 ? 1.038   3.455   0.898  1.00 0.00 ? 5  DAR A HA   2 
HETATM 195 H HB2  . DAR A 1 4 ? 0.544   5.460   -0.590 1.00 0.00 ? 5  DAR A HB2  2 
HETATM 196 H HB3  . DAR A 1 4 ? 0.161   4.372   -1.915 1.00 0.00 ? 5  DAR A HB3  2 
HETATM 197 H HG2  . DAR A 1 4 ? 2.551   3.420   -1.718 1.00 0.00 ? 5  DAR A HG2  2 
HETATM 198 H HG3  . DAR A 1 4 ? 2.902   4.637   -0.501 1.00 0.00 ? 5  DAR A HG3  2 
HETATM 199 H HD2  . DAR A 1 4 ? 2.065   5.191   -3.441 1.00 0.00 ? 5  DAR A HD2  2 
HETATM 200 H HD3  . DAR A 1 4 ? 3.701   5.205   -2.828 1.00 0.00 ? 5  DAR A HD3  2 
HETATM 201 H HE   . DAR A 1 4 ? 3.329   7.288   -1.599 1.00 0.00 ? 5  DAR A HE   2 
HETATM 202 H HH11 . DAR A 1 4 ? 0.882   9.559   -2.314 1.00 0.00 ? 5  DAR A HH11 2 
HETATM 203 H HH12 . DAR A 1 4 ? 2.494   9.187   -1.520 1.00 0.00 ? 5  DAR A HH12 2 
HETATM 204 H HH21 . DAR A 1 4 ? -0.196  8.063   -3.350 1.00 0.00 ? 5  DAR A HH21 2 
HETATM 205 H HH22 . DAR A 1 4 ? 0.453   6.354   -3.475 1.00 0.00 ? 5  DAR A HH22 2 
HETATM 206 N N    . DIL A 1 5 ? 0.668   0.958   0.393  1.00 0.00 ? 6  DIL A N    2 
HETATM 207 C CA   . DIL A 1 5 ? 0.736   -0.495  0.071  1.00 0.00 ? 6  DIL A CA   2 
HETATM 208 C C    . DIL A 1 5 ? 2.204   -0.957  -0.181 1.00 0.00 ? 6  DIL A C    2 
HETATM 209 O O    . DIL A 1 5 ? 2.808   -1.681  0.616  1.00 0.00 ? 6  DIL A O    2 
HETATM 210 C CB   . DIL A 1 5 ? -0.055  -1.409  1.082  1.00 0.00 ? 6  DIL A CB   2 
HETATM 211 C CG1  . DIL A 1 5 ? 0.301   -1.315  2.600  1.00 0.00 ? 6  DIL A CG1  2 
HETATM 212 C CG2  . DIL A 1 5 ? -1.580  -1.389  0.838  1.00 0.00 ? 6  DIL A CG2  2 
HETATM 213 C CD1  . DIL A 1 5 ? -0.202  -0.095  3.397  1.00 0.00 ? 6  DIL A CD1  2 
HETATM 214 H H    . DIL A 1 5 ? 0.917   1.321   1.314  1.00 0.00 ? 6  DIL A H    2 
HETATM 215 H HA   . DIL A 1 5 ? 0.220   -0.664  -0.898 1.00 0.00 ? 6  DIL A HA   2 
HETATM 216 H HB   . DIL A 1 5 ? 0.227   -2.445  0.805  1.00 0.00 ? 6  DIL A HB   2 
HETATM 217 H HG12 . DIL A 1 5 ? 1.396   -1.385  2.728  1.00 0.00 ? 6  DIL A HG12 2 
HETATM 218 H HG13 . DIL A 1 5 ? -0.089  -2.220  3.102  1.00 0.00 ? 6  DIL A HG13 2 
HETATM 219 H HG21 . DIL A 1 5 ? -1.826  -1.620  -0.217 1.00 0.00 ? 6  DIL A HG21 2 
HETATM 220 H HG22 . DIL A 1 5 ? -2.017  -0.401  1.067  1.00 0.00 ? 6  DIL A HG22 2 
HETATM 221 H HG23 . DIL A 1 5 ? -2.103  -2.140  1.458  1.00 0.00 ? 6  DIL A HG23 2 
HETATM 222 H HD11 . DIL A 1 5 ? 0.069   -0.183  4.465  1.00 0.00 ? 6  DIL A HD11 2 
HETATM 223 H HD12 . DIL A 1 5 ? -1.302  0.006   3.352  1.00 0.00 ? 6  DIL A HD12 2 
HETATM 224 H HD13 . DIL A 1 5 ? 0.233   0.853   3.037  1.00 0.00 ? 6  DIL A HD13 2 
ATOM   225 N N    . GLY A 1 6 ? 2.754   -0.542  -1.336 1.00 0.00 ? 7  GLY A N    2 
ATOM   226 C CA   . GLY A 1 6 ? 4.123   -0.938  -1.758 1.00 0.00 ? 7  GLY A CA   2 
ATOM   227 C C    . GLY A 1 6 ? 4.284   -2.427  -2.231 1.00 0.00 ? 7  GLY A C    2 
ATOM   228 O O    . GLY A 1 6 ? 5.432   -2.871  -2.295 1.00 0.00 ? 7  GLY A O    2 
ATOM   229 H H    . GLY A 1 6 ? 2.215   0.217   -1.772 1.00 0.00 ? 7  GLY A H    2 
ATOM   230 H HA2  . GLY A 1 6 ? 4.473   -0.251  -2.556 1.00 0.00 ? 7  GLY A HA2  2 
ATOM   231 H HA3  . GLY A 1 6 ? 4.847   -0.721  -0.941 1.00 0.00 ? 7  GLY A HA3  2 
ATOM   232 N N    . GLY A 1 7 ? 3.209   -3.195  -2.571 1.00 0.00 ? 8  GLY A N    2 
ATOM   233 C CA   . GLY A 1 7 ? 3.340   -4.606  -2.995 1.00 0.00 ? 8  GLY A CA   2 
ATOM   234 C C    . GLY A 1 7 ? 1.960   -5.233  -3.274 1.00 0.00 ? 8  GLY A C    2 
ATOM   235 O O    . GLY A 1 7 ? 1.644   -5.503  -4.434 1.00 0.00 ? 8  GLY A O    2 
ATOM   236 H H    . GLY A 1 7 ? 2.254   -2.833  -2.434 1.00 0.00 ? 8  GLY A H    2 
ATOM   237 H HA2  . GLY A 1 7 ? 3.967   -4.669  -3.906 1.00 0.00 ? 8  GLY A HA2  2 
ATOM   238 H HA3  . GLY A 1 7 ? 3.870   -5.194  -2.221 1.00 0.00 ? 8  GLY A HA3  2 
ATOM   239 N N    . CYS A 1 8 ? 1.162   -5.462  -2.206 1.00 0.00 ? 9  CYS A N    2 
ATOM   240 C CA   . CYS A 1 8 ? -0.205  -6.054  -2.275 1.00 0.00 ? 9  CYS A CA   2 
ATOM   241 C C    . CYS A 1 8 ? -0.307  -7.458  -2.954 1.00 0.00 ? 9  CYS A C    2 
ATOM   242 O O    . CYS A 1 8 ? 0.038   -8.470  -2.342 1.00 0.00 ? 9  CYS A O    2 
ATOM   243 C CB   . CYS A 1 8 ? -1.291  -4.997  -2.611 1.00 0.00 ? 9  CYS A CB   2 
ATOM   244 S SG   . CYS A 1 8 ? -1.168  -4.372  -4.323 1.00 0.00 ? 9  CYS A SG   2 
ATOM   245 H H    . CYS A 1 8 ? 1.522   -5.091  -1.321 1.00 0.00 ? 9  CYS A H    2 
ATOM   246 H HA   . CYS A 1 8 ? -0.425  -6.290  -1.217 1.00 0.00 ? 9  CYS A HA   2 
ATOM   247 H HB2  . CYS A 1 8 ? -2.299  -5.435  -2.474 1.00 0.00 ? 9  CYS A HB2  2 
ATOM   248 H HB3  . CYS A 1 8 ? -1.240  -4.141  -1.913 1.00 0.00 ? 9  CYS A HB3  2 
ATOM   249 H HG   . CYS A 1 8 ? -0.219  -3.470  -4.090 1.00 0.00 ? 9  CYS A HG   2 
HETATM 250 N N    . NH2 A 1 9 ? -0.768  -7.584  -4.194 1.00 0.00 ? 10 NH2 A N    2 
HETATM 251 H HN1  . NH2 A 1 9 ? -0.808  -8.537  -4.574 1.00 0.00 ? 10 NH2 A HN1  2 
HETATM 252 H HN2  . NH2 A 1 9 ? -1.048  -6.720  -4.671 1.00 0.00 ? 10 NH2 A HN2  2 
HETATM 253 N N    . MGG A 1 1 ? -3.675  2.753   -3.274 1.00 0.00 ? 2  MGG A N    3 
HETATM 254 C CA   . MGG A 1 1 ? -3.857  1.342   -2.815 1.00 0.00 ? 2  MGG A CA   3 
HETATM 255 C CB   . MGG A 1 1 ? -5.055  0.632   -3.524 1.00 0.00 ? 2  MGG A CB   3 
HETATM 256 C CG   . MGG A 1 1 ? -4.922  -0.901  -3.727 1.00 0.00 ? 2  MGG A CG   3 
HETATM 257 C CD   . MGG A 1 1 ? -4.712  -1.794  -2.484 1.00 0.00 ? 2  MGG A CD   3 
HETATM 258 N NE   . MGG A 1 1 ? -5.891  -1.826  -1.580 1.00 0.00 ? 2  MGG A NE   3 
HETATM 259 C CZ   . MGG A 1 1 ? -5.870  -2.291  -0.316 1.00 0.00 ? 2  MGG A CZ   3 
HETATM 260 N NH1  . MGG A 1 1 ? -4.788  -2.791  0.278  1.00 0.00 ? 2  MGG A NH1  3 
HETATM 261 N NH2  . MGG A 1 1 ? -6.990  -2.248  0.379  1.00 0.00 ? 2  MGG A NH2  3 
HETATM 262 C C3   . MGG A 1 1 ? -2.886  3.081   -4.313 1.00 0.00 ? 2  MGG A C3   3 
HETATM 263 O O3   . MGG A 1 1 ? -2.255  2.260   -4.983 1.00 0.00 ? 2  MGG A O3   3 
HETATM 264 C C2   . MGG A 1 1 ? -2.798  4.573   -4.654 1.00 0.00 ? 2  MGG A C2   3 
HETATM 265 C C1   . MGG A 1 1 ? -3.731  4.948   -5.805 1.00 0.00 ? 2  MGG A C1   3 
HETATM 266 O O12  . MGG A 1 1 ? -3.384  4.964   -6.985 1.00 0.00 ? 2  MGG A O12  3 
HETATM 267 O O1   . MGG A 1 1 ? -4.990  5.269   -5.370 1.00 0.00 ? 2  MGG A O1   3 
HETATM 268 C C    . MGG A 1 1 ? -3.828  1.293   -1.259 1.00 0.00 ? 2  MGG A C    3 
HETATM 269 O O    . MGG A 1 1 ? -2.723  1.240   -0.718 1.00 0.00 ? 2  MGG A O    3 
HETATM 270 H H    . MGG A 1 1 ? -4.069  3.572   -2.798 1.00 0.00 ? 2  MGG A H    3 
HETATM 271 H HA   . MGG A 1 1 ? -2.953  0.775   -3.118 1.00 0.00 ? 2  MGG A HA   3 
HETATM 272 H HB2  . MGG A 1 1 ? -5.190  1.064   -4.534 1.00 0.00 ? 2  MGG A HB2  3 
HETATM 273 H HB3  . MGG A 1 1 ? -6.007  0.865   -3.008 1.00 0.00 ? 2  MGG A HB3  3 
HETATM 274 H HG2  . MGG A 1 1 ? -4.072  -1.079  -4.413 1.00 0.00 ? 2  MGG A HG2  3 
HETATM 275 H HG3  . MGG A 1 1 ? -5.804  -1.264  -4.287 1.00 0.00 ? 2  MGG A HG3  3 
HETATM 276 H HD2  . MGG A 1 1 ? -3.807  -1.466  -1.940 1.00 0.00 ? 2  MGG A HD2  3 
HETATM 277 H HD3  . MGG A 1 1 ? -4.494  -2.826  -2.816 1.00 0.00 ? 2  MGG A HD3  3 
HETATM 278 H HE   . MGG A 1 1 ? -6.804  -1.470  -1.884 1.00 0.00 ? 2  MGG A HE   3 
HETATM 279 H HH11 . MGG A 1 1 ? -4.900  -3.115  1.244  1.00 0.00 ? 2  MGG A HH11 3 
HETATM 280 H HH12 . MGG A 1 1 ? -3.928  -2.816  -0.282 1.00 0.00 ? 2  MGG A HH12 3 
HETATM 281 H HH21 . MGG A 1 1 ? -6.949  -2.606  1.340  1.00 0.00 ? 2  MGG A HH21 3 
HETATM 282 H HH22 . MGG A 1 1 ? -7.810  -1.857  -0.097 1.00 0.00 ? 2  MGG A HH22 3 
HETATM 283 H H21  . MGG A 1 1 ? -1.759  4.814   -4.943 1.00 0.00 ? 2  MGG A H21  3 
HETATM 284 H H22  . MGG A 1 1 ? -3.005  5.210   -3.771 1.00 0.00 ? 2  MGG A H22  3 
HETATM 285 H H1   . MGG A 1 1 ? -5.562  5.498   -6.104 1.00 0.00 ? 2  MGG A H1   3 
HETATM 286 N N    . DGL A 1 2 ? -4.973  1.334   -0.529 1.00 0.00 ? 3  DGL A N    3 
HETATM 287 C CA   . DGL A 1 2 ? -5.008  1.274   0.969  1.00 0.00 ? 3  DGL A CA   3 
HETATM 288 C C    . DGL A 1 2 ? -4.027  2.200   1.761  1.00 0.00 ? 3  DGL A C    3 
HETATM 289 O O    . DGL A 1 2 ? -3.420  1.744   2.735  1.00 0.00 ? 3  DGL A O    3 
HETATM 290 C CB   . DGL A 1 2 ? -6.489  1.411   1.422  1.00 0.00 ? 3  DGL A CB   3 
HETATM 291 C CG   . DGL A 1 2 ? -6.769  0.962   2.874  1.00 0.00 ? 3  DGL A CG   3 
HETATM 292 C CD   . DGL A 1 2 ? -8.251  1.040   3.243  1.00 0.00 ? 3  DGL A CD   3 
HETATM 293 O OE1  . DGL A 1 2 ? -8.981  0.046   3.025  1.00 0.00 ? 3  DGL A OE1  3 
HETATM 294 O OE2  . DGL A 1 2 ? -8.696  2.093   3.750  1.00 0.00 ? 3  DGL A OE2  3 
HETATM 295 H H    . DGL A 1 2 ? -5.834  1.144   -1.056 1.00 0.00 ? 3  DGL A H    3 
HETATM 296 H HA   . DGL A 1 2 ? -4.697  0.243   1.217  1.00 0.00 ? 3  DGL A HA   3 
HETATM 297 H HB2  . DGL A 1 2 ? -7.138  0.807   0.755  1.00 0.00 ? 3  DGL A HB2  3 
HETATM 298 H HB3  . DGL A 1 2 ? -6.826  2.457   1.280  1.00 0.00 ? 3  DGL A HB3  3 
HETATM 299 H HG2  . DGL A 1 2 ? -6.189  1.579   3.586  1.00 0.00 ? 3  DGL A HG2  3 
HETATM 300 H HG3  . DGL A 1 2 ? -6.415  -0.075  3.024  1.00 0.00 ? 3  DGL A HG3  3 
ATOM   301 N N    . GLY A 1 3 ? -3.889  3.474   1.354  1.00 0.00 ? 4  GLY A N    3 
ATOM   302 C CA   . GLY A 1 3 ? -2.943  4.422   1.998  1.00 0.00 ? 4  GLY A CA   3 
ATOM   303 C C    . GLY A 1 3 ? -1.436  4.291   1.623  1.00 0.00 ? 4  GLY A C    3 
ATOM   304 O O    . GLY A 1 3 ? -0.596  4.785   2.379  1.00 0.00 ? 4  GLY A O    3 
ATOM   305 H H    . GLY A 1 3 ? -4.320  3.649   0.440  1.00 0.00 ? 4  GLY A H    3 
ATOM   306 H HA2  . GLY A 1 3 ? -3.263  5.449   1.745  1.00 0.00 ? 4  GLY A HA2  3 
ATOM   307 H HA3  . GLY A 1 3 ? -3.044  4.364   3.099  1.00 0.00 ? 4  GLY A HA3  3 
HETATM 308 N N    . DAR A 1 4 ? -1.094  3.659   0.481  1.00 0.00 ? 5  DAR A N    3 
HETATM 309 C CA   . DAR A 1 4 ? 0.310   3.462   0.025  1.00 0.00 ? 5  DAR A CA   3 
HETATM 310 C CB   . DAR A 1 4 ? 0.805   4.668   -0.831 1.00 0.00 ? 5  DAR A CB   3 
HETATM 311 C CG   . DAR A 1 4 ? -0.030  5.063   -2.081 1.00 0.00 ? 5  DAR A CG   3 
HETATM 312 C CD   . DAR A 1 4 ? 0.540   6.237   -2.902 1.00 0.00 ? 5  DAR A CD   3 
HETATM 313 N NE   . DAR A 1 4 ? 1.735   5.864   -3.705 1.00 0.00 ? 5  DAR A NE   3 
HETATM 314 C CZ   . DAR A 1 4 ? 3.008   6.195   -3.408 1.00 0.00 ? 5  DAR A CZ   3 
HETATM 315 N NH1  . DAR A 1 4 ? 3.959   5.780   -4.221 1.00 0.00 ? 5  DAR A NH1  3 
HETATM 316 N NH2  . DAR A 1 4 ? 3.365   6.910   -2.343 1.00 0.00 ? 5  DAR A NH2  3 
HETATM 317 C C    . DAR A 1 4 ? 0.468   2.062   -0.656 1.00 0.00 ? 5  DAR A C    3 
HETATM 318 O O    . DAR A 1 4 ? 0.595   1.960   -1.881 1.00 0.00 ? 5  DAR A O    3 
HETATM 319 H H    . DAR A 1 4 ? -1.892  3.278   -0.044 1.00 0.00 ? 5  DAR A H    3 
HETATM 320 H HA   . DAR A 1 4 ? 0.974   3.438   0.913  1.00 0.00 ? 5  DAR A HA   3 
HETATM 321 H HB2  . DAR A 1 4 ? 1.847   4.465   -1.141 1.00 0.00 ? 5  DAR A HB2  3 
HETATM 322 H HB3  . DAR A 1 4 ? 0.881   5.554   -0.171 1.00 0.00 ? 5  DAR A HB3  3 
HETATM 323 H HG2  . DAR A 1 4 ? -1.048  5.338   -1.750 1.00 0.00 ? 5  DAR A HG2  3 
HETATM 324 H HG3  . DAR A 1 4 ? -0.181  4.188   -2.741 1.00 0.00 ? 5  DAR A HG3  3 
HETATM 325 H HD2  . DAR A 1 4 ? 0.717   7.116   -2.254 1.00 0.00 ? 5  DAR A HD2  3 
HETATM 326 H HD3  . DAR A 1 4 ? -0.240  6.573   -3.611 1.00 0.00 ? 5  DAR A HD3  3 
HETATM 327 H HE   . DAR A 1 4 ? 1.640   5.302   -4.558 1.00 0.00 ? 5  DAR A HE   3 
HETATM 328 H HH11 . DAR A 1 4 ? 4.921   6.040   -3.976 1.00 0.00 ? 5  DAR A HH11 3 
HETATM 329 H HH12 . DAR A 1 4 ? 3.658   5.228   -5.031 1.00 0.00 ? 5  DAR A HH12 3 
HETATM 330 H HH21 . DAR A 1 4 ? 4.368   7.093   -2.227 1.00 0.00 ? 5  DAR A HH21 3 
HETATM 331 H HH22 . DAR A 1 4 ? 2.608   7.217   -1.723 1.00 0.00 ? 5  DAR A HH22 3 
HETATM 332 N N    . DIL A 1 5 ? 0.486   0.984   0.160  1.00 0.00 ? 6  DIL A N    3 
HETATM 333 C CA   . DIL A 1 5 ? 0.628   -0.430  -0.329 1.00 0.00 ? 6  DIL A CA   3 
HETATM 334 C C    . DIL A 1 5 ? 2.013   -1.101  -0.052 1.00 0.00 ? 6  DIL A C    3 
HETATM 335 O O    . DIL A 1 5 ? 2.510   -1.809  -0.934 1.00 0.00 ? 6  DIL A O    3 
HETATM 336 C CB   . DIL A 1 5 ? -0.629  -1.312  0.036  1.00 0.00 ? 6  DIL A CB   3 
HETATM 337 C CG1  . DIL A 1 5 ? -0.671  -2.727  -0.615 1.00 0.00 ? 6  DIL A CG1  3 
HETATM 338 C CG2  . DIL A 1 5 ? -0.931  -1.445  1.550  1.00 0.00 ? 6  DIL A CG2  3 
HETATM 339 C CD1  . DIL A 1 5 ? -0.685  -2.753  -2.152 1.00 0.00 ? 6  DIL A CD1  3 
HETATM 340 H H    . DIL A 1 5 ? 0.227   1.201   1.129  1.00 0.00 ? 6  DIL A H    3 
HETATM 341 H HA   . DIL A 1 5 ? 0.609   -0.385  -1.429 1.00 0.00 ? 6  DIL A HA   3 
HETATM 342 H HB   . DIL A 1 5 ? -1.504  -0.787  -0.383 1.00 0.00 ? 6  DIL A HB   3 
HETATM 343 H HG12 . DIL A 1 5 ? -1.581  -3.257  -0.277 1.00 0.00 ? 6  DIL A HG12 3 
HETATM 344 H HG13 . DIL A 1 5 ? 0.171   -3.344  -0.244 1.00 0.00 ? 6  DIL A HG13 3 
HETATM 345 H HG21 . DIL A 1 5 ? -1.883  -1.978  1.731  1.00 0.00 ? 6  DIL A HG21 3 
HETATM 346 H HG22 . DIL A 1 5 ? -1.041  -0.457  2.034  1.00 0.00 ? 6  DIL A HG22 3 
HETATM 347 H HG23 . DIL A 1 5 ? -0.140  -1.997  2.090  1.00 0.00 ? 6  DIL A HG23 3 
HETATM 348 H HD11 . DIL A 1 5 ? -0.817  -3.783  -2.529 1.00 0.00 ? 6  DIL A HD11 3 
HETATM 349 H HD12 . DIL A 1 5 ? 0.258   -2.370  -2.581 1.00 0.00 ? 6  DIL A HD12 3 
HETATM 350 H HD13 . DIL A 1 5 ? -1.512  -2.145  -2.564 1.00 0.00 ? 6  DIL A HD13 3 
ATOM   351 N N    . GLY A 1 6 ? 2.627   -0.922  1.132  1.00 0.00 ? 7  GLY A N    3 
ATOM   352 C CA   . GLY A 1 6 ? 3.935   -1.553  1.461  1.00 0.00 ? 7  GLY A CA   3 
ATOM   353 C C    . GLY A 1 6 ? 3.890   -3.087  1.771  1.00 0.00 ? 7  GLY A C    3 
ATOM   354 O O    . GLY A 1 6 ? 4.873   -3.750  1.428  1.00 0.00 ? 7  GLY A O    3 
ATOM   355 H H    . GLY A 1 6 ? 2.209   -0.185  1.704  1.00 0.00 ? 7  GLY A H    3 
ATOM   356 H HA2  . GLY A 1 6 ? 4.654   -1.357  0.629  1.00 0.00 ? 7  GLY A HA2  3 
ATOM   357 H HA3  . GLY A 1 6 ? 4.416   -1.002  2.293  1.00 0.00 ? 7  GLY A HA3  3 
ATOM   358 N N    . GLY A 1 7 ? 2.833   -3.673  2.402  1.00 0.00 ? 8  GLY A N    3 
ATOM   359 C CA   . GLY A 1 7 ? 2.791   -5.128  2.674  1.00 0.00 ? 8  GLY A CA   3 
ATOM   360 C C    . GLY A 1 7 ? 1.507   -5.522  3.424  1.00 0.00 ? 8  GLY A C    3 
ATOM   361 O O    . GLY A 1 7 ? 1.566   -5.826  4.619  1.00 0.00 ? 8  GLY A O    3 
ATOM   362 H H    . GLY A 1 7 ? 1.978   -3.140  2.614  1.00 0.00 ? 8  GLY A H    3 
ATOM   363 H HA2  . GLY A 1 7 ? 2.866   -5.698  1.728  1.00 0.00 ? 8  GLY A HA2  3 
ATOM   364 H HA3  . GLY A 1 7 ? 3.672   -5.427  3.276  1.00 0.00 ? 8  GLY A HA3  3 
ATOM   365 N N    . CYS A 1 8 ? 0.361   -5.542  2.710  1.00 0.00 ? 9  CYS A N    3 
ATOM   366 C CA   . CYS A 1 8 ? -0.966  -5.892  3.285  1.00 0.00 ? 9  CYS A CA   3 
ATOM   367 C C    . CYS A 1 8 ? -1.996  -5.958  2.123  1.00 0.00 ? 9  CYS A C    3 
ATOM   368 O O    . CYS A 1 8 ? -2.387  -4.953  1.527  1.00 0.00 ? 9  CYS A O    3 
ATOM   369 C CB   . CYS A 1 8 ? -1.446  -4.878  4.357  1.00 0.00 ? 9  CYS A CB   3 
ATOM   370 S SG   . CYS A 1 8 ? -3.048  -5.403  5.055  1.00 0.00 ? 9  CYS A SG   3 
ATOM   371 H H    . CYS A 1 8 ? 0.467   -5.274  1.725  1.00 0.00 ? 9  CYS A H    3 
ATOM   372 H HA   . CYS A 1 8 ? -0.884  -6.884  3.774  1.00 0.00 ? 9  CYS A HA   3 
ATOM   373 H HB2  . CYS A 1 8 ? -0.721  -4.799  5.187  1.00 0.00 ? 9  CYS A HB2  3 
ATOM   374 H HB3  . CYS A 1 8 ? -1.546  -3.860  3.935  1.00 0.00 ? 9  CYS A HB3  3 
ATOM   375 H HG   . CYS A 1 8 ? -3.179  -4.382  5.897  1.00 0.00 ? 9  CYS A HG   3 
HETATM 376 N N    . NH2 A 1 9 ? -2.471  -7.148  1.777  1.00 0.00 ? 10 NH2 A N    3 
HETATM 377 H HN1  . NH2 A 1 9 ? -2.120  -7.955  2.305  1.00 0.00 ? 10 NH2 A HN1  3 
HETATM 378 H HN2  . NH2 A 1 9 ? -3.155  -7.164  1.012  1.00 0.00 ? 10 NH2 A HN2  3 
HETATM 379 N N    . MGG A 1 1 ? -4.398  1.924   -3.686 1.00 0.00 ? 2  MGG A N    4 
HETATM 380 C CA   . MGG A 1 1 ? -3.343  1.460   -2.729 1.00 0.00 ? 2  MGG A CA   4 
HETATM 381 C CB   . MGG A 1 1 ? -2.715  0.135   -3.272 1.00 0.00 ? 2  MGG A CB   4 
HETATM 382 C CG   . MGG A 1 1 ? -2.178  0.100   -4.732 1.00 0.00 ? 2  MGG A CG   4 
HETATM 383 C CD   . MGG A 1 1 ? -1.104  1.142   -5.117 1.00 0.00 ? 2  MGG A CD   4 
HETATM 384 N NE   . MGG A 1 1 ? 0.225   0.858   -4.518 1.00 0.00 ? 2  MGG A NE   4 
HETATM 385 C CZ   . MGG A 1 1 ? 1.266   1.713   -4.530 1.00 0.00 ? 2  MGG A CZ   4 
HETATM 386 N NH1  . MGG A 1 1 ? 1.223   2.934   -5.058 1.00 0.00 ? 2  MGG A NH1  4 
HETATM 387 N NH2  . MGG A 1 1 ? 2.401   1.319   -3.986 1.00 0.00 ? 2  MGG A NH2  4 
HETATM 388 C C3   . MGG A 1 1 ? -4.829  3.196   -3.727 1.00 0.00 ? 2  MGG A C3   4 
HETATM 389 O O3   . MGG A 1 1 ? -4.438  4.073   -2.952 1.00 0.00 ? 2  MGG A O3   4 
HETATM 390 C C2   . MGG A 1 1 ? -5.896  3.531   -4.780 1.00 0.00 ? 2  MGG A C2   4 
HETATM 391 C C1   . MGG A 1 1 ? -5.275  4.149   -6.033 1.00 0.00 ? 2  MGG A C1   4 
HETATM 392 O O12  . MGG A 1 1 ? -4.920  3.491   -7.010 1.00 0.00 ? 2  MGG A O12  4 
HETATM 393 O O1   . MGG A 1 1 ? -5.169  5.511   -5.947 1.00 0.00 ? 2  MGG A O1   4 
HETATM 394 C C    . MGG A 1 1 ? -3.680  1.338   -1.192 1.00 0.00 ? 2  MGG A C    4 
HETATM 395 O O    . MGG A 1 1 ? -2.785  0.928   -0.445 1.00 0.00 ? 2  MGG A O    4 
HETATM 396 H H    . MGG A 1 1 ? -4.618  1.382   -4.537 1.00 0.00 ? 2  MGG A H    4 
HETATM 397 H HA   . MGG A 1 1 ? -2.529  2.210   -2.762 1.00 0.00 ? 2  MGG A HA   4 
HETATM 398 H HB2  . MGG A 1 1 ? -3.454  -0.680  -3.161 1.00 0.00 ? 2  MGG A HB2  4 
HETATM 399 H HB3  . MGG A 1 1 ? -1.878  -0.164  -2.611 1.00 0.00 ? 2  MGG A HB3  4 
HETATM 400 H HG2  . MGG A 1 1 ? -3.037  0.227   -5.418 1.00 0.00 ? 2  MGG A HG2  4 
HETATM 401 H HG3  . MGG A 1 1 ? -1.803  -0.917  -4.956 1.00 0.00 ? 2  MGG A HG3  4 
HETATM 402 H HD2  . MGG A 1 1 ? -1.453  2.157   -4.847 1.00 0.00 ? 2  MGG A HD2  4 
HETATM 403 H HD3  . MGG A 1 1 ? -0.998  1.150   -6.219 1.00 0.00 ? 2  MGG A HD3  4 
HETATM 404 H HE   . MGG A 1 1 ? 0.424   -0.040  -4.063 1.00 0.00 ? 2  MGG A HE   4 
HETATM 405 H HH11 . MGG A 1 1 ? 2.085   3.487   -5.002 1.00 0.00 ? 2  MGG A HH11 4 
HETATM 406 H HH12 . MGG A 1 1 ? 0.332   3.222   -5.475 1.00 0.00 ? 2  MGG A HH12 4 
HETATM 407 H HH21 . MGG A 1 1 ? 3.178   1.989   -4.006 1.00 0.00 ? 2  MGG A HH21 4 
HETATM 408 H HH22 . MGG A 1 1 ? 2.407   0.377   -3.578 1.00 0.00 ? 2  MGG A HH22 4 
HETATM 409 H H21  . MGG A 1 1 ? -6.632  4.232   -4.344 1.00 0.00 ? 2  MGG A H21  4 
HETATM 410 H H22  . MGG A 1 1 ? -6.482  2.636   -5.063 1.00 0.00 ? 2  MGG A H22  4 
HETATM 411 H H1   . MGG A 1 1 ? -4.781  5.880   -6.741 1.00 0.00 ? 2  MGG A H1   4 
HETATM 412 N N    . DGL A 1 2 ? -4.879  1.716   -0.671 1.00 0.00 ? 3  DGL A N    4 
HETATM 413 C CA   . DGL A 1 2 ? -5.214  1.621   0.787  1.00 0.00 ? 3  DGL A CA   4 
HETATM 414 C C    . DGL A 1 2 ? -4.233  2.383   1.737  1.00 0.00 ? 3  DGL A C    4 
HETATM 415 O O    . DGL A 1 2 ? -3.810  1.825   2.754  1.00 0.00 ? 3  DGL A O    4 
HETATM 416 C CB   . DGL A 1 2 ? -6.707  2.018   0.972  1.00 0.00 ? 3  DGL A CB   4 
HETATM 417 C CG   . DGL A 1 2 ? -7.326  1.766   2.368  1.00 0.00 ? 3  DGL A CG   4 
HETATM 418 C CD   . DGL A 1 2 ? -7.447  0.287   2.748  1.00 0.00 ? 3  DGL A CD   4 
HETATM 419 O OE1  . DGL A 1 2 ? -8.453  -0.355  2.369  1.00 0.00 ? 3  DGL A OE1  4 
HETATM 420 O OE2  . DGL A 1 2 ? -6.537  -0.240  3.424  1.00 0.00 ? 3  DGL A OE2  4 
HETATM 421 H H    . DGL A 1 2 ? -5.524  2.206   -1.296 1.00 0.00 ? 3  DGL A H    4 
HETATM 422 H HA   . DGL A 1 2 ? -5.127  0.553   1.052  1.00 0.00 ? 3  DGL A HA   4 
HETATM 423 H HB2  . DGL A 1 2 ? -7.330  1.487   0.224  1.00 0.00 ? 3  DGL A HB2  4 
HETATM 424 H HB3  . DGL A 1 2 ? -6.830  3.089   0.725  1.00 0.00 ? 3  DGL A HB3  4 
HETATM 425 H HG2  . DGL A 1 2 ? -8.334  2.219   2.403  1.00 0.00 ? 3  DGL A HG2  4 
HETATM 426 H HG3  . DGL A 1 2 ? -6.748  2.301   3.143  1.00 0.00 ? 3  DGL A HG3  4 
ATOM   427 N N    . GLY A 1 3 ? -3.905  3.643   1.407  1.00 0.00 ? 4  GLY A N    4 
ATOM   428 C CA   . GLY A 1 3 ? -2.920  4.445   2.175  1.00 0.00 ? 4  GLY A CA   4 
ATOM   429 C C    . GLY A 1 3 ? -1.429  4.304   1.731  1.00 0.00 ? 4  GLY A C    4 
ATOM   430 O O    . GLY A 1 3 ? -0.577  4.955   2.342  1.00 0.00 ? 4  GLY A O    4 
ATOM   431 H H    . GLY A 1 3 ? -4.182  3.882   0.449  1.00 0.00 ? 4  GLY A H    4 
ATOM   432 H HA2  . GLY A 1 3 ? -3.201  5.510   2.083  1.00 0.00 ? 4  GLY A HA2  4 
ATOM   433 H HA3  . GLY A 1 3 ? -2.994  4.229   3.257  1.00 0.00 ? 4  GLY A HA3  4 
HETATM 434 N N    . DAR A 1 4 ? -1.107  3.503   0.687  1.00 0.00 ? 5  DAR A N    4 
HETATM 435 C CA   . DAR A 1 4 ? 0.277   3.291   0.198  1.00 0.00 ? 5  DAR A CA   4 
HETATM 436 C CB   . DAR A 1 4 ? 0.692   4.388   -0.830 1.00 0.00 ? 5  DAR A CB   4 
HETATM 437 C CG   . DAR A 1 4 ? 2.142   4.292   -1.364 1.00 0.00 ? 5  DAR A CG   4 
HETATM 438 C CD   . DAR A 1 4 ? 3.234   4.693   -0.348 1.00 0.00 ? 5  DAR A CD   4 
HETATM 439 N NE   . DAR A 1 4 ? 4.591   4.344   -0.848 1.00 0.00 ? 5  DAR A NE   4 
HETATM 440 C CZ   . DAR A 1 4 ? 5.312   3.274   -0.449 1.00 0.00 ? 5  DAR A CZ   4 
HETATM 441 N NH1  . DAR A 1 4 ? 6.477   3.059   -1.031 1.00 0.00 ? 5  DAR A NH1  4 
HETATM 442 N NH2  . DAR A 1 4 ? 4.924   2.423   0.497  1.00 0.00 ? 5  DAR A NH2  4 
HETATM 443 C C    . DAR A 1 4 ? 0.294   1.852   -0.388 1.00 0.00 ? 5  DAR A C    4 
HETATM 444 O O    . DAR A 1 4 ? -0.119  1.626   -1.529 1.00 0.00 ? 5  DAR A O    4 
HETATM 445 H H    . DAR A 1 4 ? -1.878  2.903   0.351  1.00 0.00 ? 5  DAR A H    4 
HETATM 446 H HA   . DAR A 1 4 ? 0.974   3.345   1.058  1.00 0.00 ? 5  DAR A HA   4 
HETATM 447 H HB2  . DAR A 1 4 ? 0.537   5.392   -0.392 1.00 0.00 ? 5  DAR A HB2  4 
HETATM 448 H HB3  . DAR A 1 4 ? 0.001   4.350   -1.695 1.00 0.00 ? 5  DAR A HB3  4 
HETATM 449 H HG2  . DAR A 1 4 ? 2.235   4.935   -2.258 1.00 0.00 ? 5  DAR A HG2  4 
HETATM 450 H HG3  . DAR A 1 4 ? 2.321   3.265   -1.735 1.00 0.00 ? 5  DAR A HG3  4 
HETATM 451 H HD2  . DAR A 1 4 ? 3.038   4.247   0.644  1.00 0.00 ? 5  DAR A HD2  4 
HETATM 452 H HD3  . DAR A 1 4 ? 3.191   5.785   -0.178 1.00 0.00 ? 5  DAR A HD3  4 
HETATM 453 H HE   . DAR A 1 4 ? 5.043   4.899   -1.582 1.00 0.00 ? 5  DAR A HE   4 
HETATM 454 H HH11 . DAR A 1 4 ? 7.001   2.234   -0.718 1.00 0.00 ? 5  DAR A HH11 4 
HETATM 455 H HH12 . DAR A 1 4 ? 6.756   3.727   -1.757 1.00 0.00 ? 5  DAR A HH12 4 
HETATM 456 H HH21 . DAR A 1 4 ? 5.562   1.649   0.709  1.00 0.00 ? 5  DAR A HH21 4 
HETATM 457 H HH22 . DAR A 1 4 ? 4.016   2.611   0.936  1.00 0.00 ? 5  DAR A HH22 4 
HETATM 458 N N    . DIL A 1 5 ? 0.793   0.885   0.402  1.00 0.00 ? 6  DIL A N    4 
HETATM 459 C CA   . DIL A 1 5 ? 0.868   -0.555  0.000  1.00 0.00 ? 6  DIL A CA   4 
HETATM 460 C C    . DIL A 1 5 ? 2.049   -0.793  -1.000 1.00 0.00 ? 6  DIL A C    4 
HETATM 461 O O    . DIL A 1 5 ? 1.816   -1.202  -2.140 1.00 0.00 ? 6  DIL A O    4 
HETATM 462 C CB   . DIL A 1 5 ? 0.800   -1.491  1.274  1.00 0.00 ? 6  DIL A CB   4 
HETATM 463 C CG1  . DIL A 1 5 ? -0.612  -1.570  1.945  1.00 0.00 ? 6  DIL A CG1  4 
HETATM 464 C CG2  . DIL A 1 5 ? 1.242   -2.956  1.007  1.00 0.00 ? 6  DIL A CG2  4 
HETATM 465 C CD1  . DIL A 1 5 ? -1.124  -0.308  2.658  1.00 0.00 ? 6  DIL A CD1  4 
HETATM 466 H H    . DIL A 1 5 ? 1.026   1.202   1.349  1.00 0.00 ? 6  DIL A H    4 
HETATM 467 H HA   . DIL A 1 5 ? -0.036  -0.789  -0.585 1.00 0.00 ? 6  DIL A HA   4 
HETATM 468 H HB   . DIL A 1 5 ? 1.512   -1.101  2.028  1.00 0.00 ? 6  DIL A HB   4 
HETATM 469 H HG12 . DIL A 1 5 ? -0.615  -2.370  2.711  1.00 0.00 ? 6  DIL A HG12 4 
HETATM 470 H HG13 . DIL A 1 5 ? -1.366  -1.889  1.203  1.00 0.00 ? 6  DIL A HG13 4 
HETATM 471 H HG21 . DIL A 1 5 ? 0.613   -3.450  0.243  1.00 0.00 ? 6  DIL A HG21 4 
HETATM 472 H HG22 . DIL A 1 5 ? 1.202   -3.578  1.921  1.00 0.00 ? 6  DIL A HG22 4 
HETATM 473 H HG23 . DIL A 1 5 ? 2.289   -3.017  0.654  1.00 0.00 ? 6  DIL A HG23 4 
HETATM 474 H HD11 . DIL A 1 5 ? -1.371  0.501   1.949  1.00 0.00 ? 6  DIL A HD11 4 
HETATM 475 H HD12 . DIL A 1 5 ? -0.384  0.089   3.379  1.00 0.00 ? 6  DIL A HD12 4 
HETATM 476 H HD13 . DIL A 1 5 ? -2.051  -0.517  3.224  1.00 0.00 ? 6  DIL A HD13 4 
ATOM   477 N N    . GLY A 1 6 ? 3.289   -0.549  -0.554 1.00 0.00 ? 7  GLY A N    4 
ATOM   478 C CA   . GLY A 1 6 ? 4.502   -0.729  -1.387 1.00 0.00 ? 7  GLY A CA   4 
ATOM   479 C C    . GLY A 1 6 ? 5.827   -0.907  -0.584 1.00 0.00 ? 7  GLY A C    4 
ATOM   480 O O    . GLY A 1 6 ? 6.842   -0.414  -1.086 1.00 0.00 ? 7  GLY A O    4 
ATOM   481 H H    . GLY A 1 6 ? 3.295   -0.195  0.408  1.00 0.00 ? 7  GLY A H    4 
ATOM   482 H HA2  . GLY A 1 6 ? 4.384   -1.556  -2.119 1.00 0.00 ? 7  GLY A HA2  4 
ATOM   483 H HA3  . GLY A 1 6 ? 4.593   0.158   -2.058 1.00 0.00 ? 7  GLY A HA3  4 
ATOM   484 N N    . GLY A 1 7 ? 5.882   -1.568  0.607  1.00 0.00 ? 8  GLY A N    4 
ATOM   485 C CA   . GLY A 1 7 ? 7.151   -1.732  1.354  1.00 0.00 ? 8  GLY A CA   4 
ATOM   486 C C    . GLY A 1 7 ? 6.882   -2.196  2.796  1.00 0.00 ? 8  GLY A C    4 
ATOM   487 O O    . GLY A 1 7 ? 6.860   -1.366  3.710  1.00 0.00 ? 8  GLY A O    4 
ATOM   488 H H    . GLY A 1 7 ? 5.026   -1.920  1.064  1.00 0.00 ? 8  GLY A H    4 
ATOM   489 H HA2  . GLY A 1 7 ? 7.812   -2.445  0.829  1.00 0.00 ? 8  GLY A HA2  4 
ATOM   490 H HA3  . GLY A 1 7 ? 7.708   -0.775  1.387  1.00 0.00 ? 8  GLY A HA3  4 
ATOM   491 N N    . CYS A 1 8 ? 6.689   -3.519  2.980  1.00 0.00 ? 9  CYS A N    4 
ATOM   492 C CA   . CYS A 1 8 ? 6.409   -4.161  4.298  1.00 0.00 ? 9  CYS A CA   4 
ATOM   493 C C    . CYS A 1 8 ? 5.012   -3.785  4.877  1.00 0.00 ? 9  CYS A C    4 
ATOM   494 O O    . CYS A 1 8 ? 4.823   -2.735  5.494  1.00 0.00 ? 9  CYS A O    4 
ATOM   495 C CB   . CYS A 1 8 ? 7.569   -4.004  5.315  1.00 0.00 ? 9  CYS A CB   4 
ATOM   496 S SG   . CYS A 1 8 ? 7.318   -5.097  6.754  1.00 0.00 ? 9  CYS A SG   4 
ATOM   497 H H    . CYS A 1 8 ? 6.697   -4.069  2.112  1.00 0.00 ? 9  CYS A H    4 
ATOM   498 H HA   . CYS A 1 8 ? 6.393   -5.246  4.077  1.00 0.00 ? 9  CYS A HA   4 
ATOM   499 H HB2  . CYS A 1 8 ? 8.534   -4.269  4.847  1.00 0.00 ? 9  CYS A HB2  4 
ATOM   500 H HB3  . CYS A 1 8 ? 7.667   -2.959  5.663  1.00 0.00 ? 9  CYS A HB3  4 
ATOM   501 H HG   . CYS A 1 8 ? 6.365   -4.378  7.340  1.00 0.00 ? 9  CYS A HG   4 
HETATM 502 N N    . NH2 A 1 9 ? 4.005   -4.630  4.696  1.00 0.00 ? 10 NH2 A N    4 
HETATM 503 H HN1  . NH2 A 1 9 ? 4.215   -5.496  4.190  1.00 0.00 ? 10 NH2 A HN1  4 
HETATM 504 H HN2  . NH2 A 1 9 ? 3.097   -4.349  5.083  1.00 0.00 ? 10 NH2 A HN2  4 
HETATM 505 N N    . MGG A 1 1 ? -4.098  2.745   -3.378 1.00 0.00 ? 2  MGG A N    5 
HETATM 506 C CA   . MGG A 1 1 ? -3.900  1.364   -2.847 1.00 0.00 ? 2  MGG A CA   5 
HETATM 507 C CB   . MGG A 1 1 ? -4.914  0.399   -3.530 1.00 0.00 ? 2  MGG A CB   5 
HETATM 508 C CG   . MGG A 1 1 ? -4.734  -1.118  -3.260 1.00 0.00 ? 2  MGG A CG   5 
HETATM 509 C CD   . MGG A 1 1 ? -3.616  -1.839  -4.045 1.00 0.00 ? 2  MGG A CD   5 
HETATM 510 N NE   . MGG A 1 1 ? -2.248  -1.523  -3.561 1.00 0.00 ? 2  MGG A NE   5 
HETATM 511 C CZ   . MGG A 1 1 ? -1.115  -1.953  -4.147 1.00 0.00 ? 2  MGG A CZ   5 
HETATM 512 N NH1  . MGG A 1 1 ? -1.084  -2.779  -5.190 1.00 0.00 ? 2  MGG A NH1  5 
HETATM 513 N NH2  . MGG A 1 1 ? 0.034   -1.529  -3.663 1.00 0.00 ? 2  MGG A NH2  5 
HETATM 514 C C3   . MGG A 1 1 ? -3.172  3.715   -3.258 1.00 0.00 ? 2  MGG A C3   5 
HETATM 515 O O3   . MGG A 1 1 ? -2.095  3.560   -2.677 1.00 0.00 ? 2  MGG A O3   5 
HETATM 516 C C2   . MGG A 1 1 ? -3.521  5.079   -3.865 1.00 0.00 ? 2  MGG A C2   5 
HETATM 517 C C1   . MGG A 1 1 ? -2.773  5.314   -5.176 1.00 0.00 ? 2  MGG A C1   5 
HETATM 518 O O12  . MGG A 1 1 ? -3.235  5.038   -6.282 1.00 0.00 ? 2  MGG A O12  5 
HETATM 519 O O1   . MGG A 1 1 ? -1.537  5.870   -4.978 1.00 0.00 ? 2  MGG A O1   5 
HETATM 520 C C    . MGG A 1 1 ? -3.858  1.289   -1.284 1.00 0.00 ? 2  MGG A C    5 
HETATM 521 O O    . MGG A 1 1 ? -2.758  1.150   -0.742 1.00 0.00 ? 2  MGG A O    5 
HETATM 522 H H    . MGG A 1 1 ? -4.854  2.981   -4.034 1.00 0.00 ? 2  MGG A H    5 
HETATM 523 H HA   . MGG A 1 1 ? -2.899  1.047   -3.196 1.00 0.00 ? 2  MGG A HA   5 
HETATM 524 H HB2  . MGG A 1 1 ? -4.912  0.561   -4.625 1.00 0.00 ? 2  MGG A HB2  5 
HETATM 525 H HB3  . MGG A 1 1 ? -5.936  0.686   -3.212 1.00 0.00 ? 2  MGG A HB3  5 
HETATM 526 H HG2  . MGG A 1 1 ? -5.686  -1.610  -3.532 1.00 0.00 ? 2  MGG A HG2  5 
HETATM 527 H HG3  . MGG A 1 1 ? -4.631  -1.313  -2.175 1.00 0.00 ? 2  MGG A HG3  5 
HETATM 528 H HD2  . MGG A 1 1 ? -3.708  -1.602  -5.123 1.00 0.00 ? 2  MGG A HD2  5 
HETATM 529 H HD3  . MGG A 1 1 ? -3.777  -2.931  -3.964 1.00 0.00 ? 2  MGG A HD3  5 
HETATM 530 H HE   . MGG A 1 1 ? -2.098  -0.889  -2.768 1.00 0.00 ? 2  MGG A HE   5 
HETATM 531 H HH11 . MGG A 1 1 ? -0.158  -3.033  -5.547 1.00 0.00 ? 2  MGG A HH11 5 
HETATM 532 H HH12 . MGG A 1 1 ? -1.992  -3.095  -5.549 1.00 0.00 ? 2  MGG A HH12 5 
HETATM 533 H HH21 . MGG A 1 1 ? 0.883   -1.869  -4.127 1.00 0.00 ? 2  MGG A HH21 5 
HETATM 534 H HH22 . MGG A 1 1 ? -0.013  -0.885  -2.866 1.00 0.00 ? 2  MGG A HH22 5 
HETATM 535 H H21  . MGG A 1 1 ? -3.265  5.873   -3.140 1.00 0.00 ? 2  MGG A H21  5 
HETATM 536 H H22  . MGG A 1 1 ? -4.608  5.185   -4.039 1.00 0.00 ? 2  MGG A H22  5 
HETATM 537 H H1   . MGG A 1 1 ? -1.080  6.007   -5.810 1.00 0.00 ? 2  MGG A H1   5 
HETATM 538 N N    . DGL A 1 2 ? -5.003  1.397   -0.566 1.00 0.00 ? 3  DGL A N    5 
HETATM 539 C CA   . DGL A 1 2 ? -5.051  1.340   0.931  1.00 0.00 ? 3  DGL A CA   5 
HETATM 540 C C    . DGL A 1 2 ? -4.088  2.281   1.728  1.00 0.00 ? 3  DGL A C    5 
HETATM 541 O O    . DGL A 1 2 ? -3.562  1.863   2.765  1.00 0.00 ? 3  DGL A O    5 
HETATM 542 C CB   . DGL A 1 2 ? -6.522  1.414   1.427  1.00 0.00 ? 3  DGL A CB   5 
HETATM 543 C CG   . DGL A 1 2 ? -7.282  2.744   1.196  1.00 0.00 ? 3  DGL A CG   5 
HETATM 544 C CD   . DGL A 1 2 ? -8.724  2.702   1.703  1.00 0.00 ? 3  DGL A CD   5 
HETATM 545 O OE1  . DGL A 1 2 ? -9.630  2.328   0.924  1.00 0.00 ? 3  DGL A OE1  5 
HETATM 546 O OE2  . DGL A 1 2 ? -8.961  3.044   2.883  1.00 0.00 ? 3  DGL A OE2  5 
HETATM 547 H H    . DGL A 1 2 ? -5.873  1.393   -1.110 1.00 0.00 ? 3  DGL A H    5 
HETATM 548 H HA   . DGL A 1 2 ? -4.716  0.318   1.187  1.00 0.00 ? 3  DGL A HA   5 
HETATM 549 H HB2  . DGL A 1 2 ? -6.538  1.179   2.511  1.00 0.00 ? 3  DGL A HB2  5 
HETATM 550 H HB3  . DGL A 1 2 ? -7.095  0.589   0.960  1.00 0.00 ? 3  DGL A HB3  5 
HETATM 551 H HG2  . DGL A 1 2 ? -7.287  2.996   0.118  1.00 0.00 ? 3  DGL A HG2  5 
HETATM 552 H HG3  . DGL A 1 2 ? -6.754  3.578   1.691  1.00 0.00 ? 3  DGL A HG3  5 
ATOM   553 N N    . GLY A 1 3 ? -3.875  3.526   1.259  1.00 0.00 ? 4  GLY A N    5 
ATOM   554 C CA   . GLY A 1 3 ? -2.939  4.479   1.907  1.00 0.00 ? 4  GLY A CA   5 
ATOM   555 C C    . GLY A 1 3 ? -1.422  4.286   1.615  1.00 0.00 ? 4  GLY A C    5 
ATOM   556 O O    . GLY A 1 3 ? -0.607  4.806   2.381  1.00 0.00 ? 4  GLY A O    5 
ATOM   557 H H    . GLY A 1 3 ? -4.238  3.675   0.313  1.00 0.00 ? 4  GLY A H    5 
ATOM   558 H HA2  . GLY A 1 3 ? -3.214  5.500   1.588  1.00 0.00 ? 4  GLY A HA2  5 
ATOM   559 H HA3  . GLY A 1 3 ? -3.095  4.478   3.004  1.00 0.00 ? 4  GLY A HA3  5 
HETATM 560 N N    . DAR A 1 4 ? -1.045  3.586   0.522  1.00 0.00 ? 5  DAR A N    5 
HETATM 561 C CA   . DAR A 1 4 ? 0.372   3.328   0.159  1.00 0.00 ? 5  DAR A CA   5 
HETATM 562 C CB   . DAR A 1 4 ? 0.908   4.453   -0.769 1.00 0.00 ? 5  DAR A CB   5 
HETATM 563 C CG   . DAR A 1 4 ? 2.431   4.389   -1.020 1.00 0.00 ? 5  DAR A CG   5 
HETATM 564 C CD   . DAR A 1 4 ? 2.925   5.477   -1.994 1.00 0.00 ? 5  DAR A CD   5 
HETATM 565 N NE   . DAR A 1 4 ? 4.400   5.446   -2.173 1.00 0.00 ? 5  DAR A NE   5 
HETATM 566 C CZ   . DAR A 1 4 ? 5.058   4.665   -3.053 1.00 0.00 ? 5  DAR A CZ   5 
HETATM 567 N NH1  . DAR A 1 4 ? 6.372   4.762   -3.104 1.00 0.00 ? 5  DAR A NH1  5 
HETATM 568 N NH2  . DAR A 1 4 ? 4.464   3.798   -3.870 1.00 0.00 ? 5  DAR A NH2  5 
HETATM 569 C C    . DAR A 1 4 ? 0.419   1.905   -0.470 1.00 0.00 ? 5  DAR A C    5 
HETATM 570 O O    . DAR A 1 4 ? 0.235   1.733   -1.681 1.00 0.00 ? 5  DAR A O    5 
HETATM 571 H H    . DAR A 1 4 ? -1.816  3.111   0.033  1.00 0.00 ? 5  DAR A H    5 
HETATM 572 H HA   . DAR A 1 4 ? 0.994   3.332   1.079  1.00 0.00 ? 5  DAR A HA   5 
HETATM 573 H HB2  . DAR A 1 4 ? 0.672   5.441   -0.326 1.00 0.00 ? 5  DAR A HB2  5 
HETATM 574 H HB3  . DAR A 1 4 ? 0.365   4.433   -1.735 1.00 0.00 ? 5  DAR A HB3  5 
HETATM 575 H HG2  . DAR A 1 4 ? 2.699   3.390   -1.417 1.00 0.00 ? 5  DAR A HG2  5 
HETATM 576 H HG3  . DAR A 1 4 ? 2.963   4.477   -0.053 1.00 0.00 ? 5  DAR A HG3  5 
HETATM 577 H HD2  . DAR A 1 4 ? 2.649   6.473   -1.603 1.00 0.00 ? 5  DAR A HD2  5 
HETATM 578 H HD3  . DAR A 1 4 ? 2.405   5.396   -2.968 1.00 0.00 ? 5  DAR A HD3  5 
HETATM 579 H HE   . DAR A 1 4 ? 5.011   6.055   -1.617 1.00 0.00 ? 5  DAR A HE   5 
HETATM 580 H HH11 . DAR A 1 4 ? 6.853   4.157   -3.778 1.00 0.00 ? 5  DAR A HH11 5 
HETATM 581 H HH12 . DAR A 1 4 ? 6.806   5.435   -2.463 1.00 0.00 ? 5  DAR A HH12 5 
HETATM 582 H HH21 . DAR A 1 4 ? 5.073   3.257   -4.491 1.00 0.00 ? 5  DAR A HH21 5 
HETATM 583 H HH22 . DAR A 1 4 ? 3.441   3.737   -3.805 1.00 0.00 ? 5  DAR A HH22 5 
HETATM 584 N N    . DIL A 1 5 ? 0.679   0.888   0.375  1.00 0.00 ? 6  DIL A N    5 
HETATM 585 C CA   . DIL A 1 5 ? 0.749   -0.540  -0.059 1.00 0.00 ? 6  DIL A CA   5 
HETATM 586 C C    . DIL A 1 5 ? 2.233   -0.856  -0.435 1.00 0.00 ? 6  DIL A C    5 
HETATM 587 O O    . DIL A 1 5 ? 2.560   -0.936  -1.622 1.00 0.00 ? 6  DIL A O    5 
HETATM 588 C CB   . DIL A 1 5 ? 0.026   -1.511  0.955  1.00 0.00 ? 6  DIL A CB   5 
HETATM 589 C CG1  . DIL A 1 5 ? -1.472  -1.136  1.207  1.00 0.00 ? 6  DIL A CG1  5 
HETATM 590 C CG2  . DIL A 1 5 ? 0.109   -2.991  0.493  1.00 0.00 ? 6  DIL A CG2  5 
HETATM 591 C CD1  . DIL A 1 5 ? -2.147  -1.819  2.409  1.00 0.00 ? 6  DIL A CD1  5 
HETATM 592 H H    . DIL A 1 5 ? 0.780   1.164   1.358  1.00 0.00 ? 6  DIL A H    5 
HETATM 593 H HA   . DIL A 1 5 ? 0.185   -0.653  -0.996 1.00 0.00 ? 6  DIL A HA   5 
HETATM 594 H HB   . DIL A 1 5 ? 0.557   -1.434  1.923  1.00 0.00 ? 6  DIL A HB   5 
HETATM 595 H HG12 . DIL A 1 5 ? -2.069  -1.318  0.295  1.00 0.00 ? 6  DIL A HG12 5 
HETATM 596 H HG13 . DIL A 1 5 ? -1.562  -0.048  1.383  1.00 0.00 ? 6  DIL A HG13 5 
HETATM 597 H HG21 . DIL A 1 5 ? -0.417  -3.154  -0.466 1.00 0.00 ? 6  DIL A HG21 5 
HETATM 598 H HG22 . DIL A 1 5 ? -0.336  -3.684  1.229  1.00 0.00 ? 6  DIL A HG22 5 
HETATM 599 H HG23 . DIL A 1 5 ? 1.153   -3.328  0.354  1.00 0.00 ? 6  DIL A HG23 5 
HETATM 600 H HD11 . DIL A 1 5 ? -1.590  -1.639  3.346  1.00 0.00 ? 6  DIL A HD11 5 
HETATM 601 H HD12 . DIL A 1 5 ? -2.235  -2.912  2.274  1.00 0.00 ? 6  DIL A HD12 5 
HETATM 602 H HD13 . DIL A 1 5 ? -3.171  -1.429  2.558  1.00 0.00 ? 6  DIL A HD13 5 
ATOM   603 N N    . GLY A 1 6 ? 3.106   -1.037  0.568  1.00 0.00 ? 7  GLY A N    5 
ATOM   604 C CA   . GLY A 1 6 ? 4.544   -1.327  0.349  1.00 0.00 ? 7  GLY A CA   5 
ATOM   605 C C    . GLY A 1 6 ? 4.948   -2.829  0.211  1.00 0.00 ? 7  GLY A C    5 
ATOM   606 O O    . GLY A 1 6 ? 5.980   -3.173  0.796  1.00 0.00 ? 7  GLY A O    5 
ATOM   607 H H    . GLY A 1 6 ? 2.670   -0.941  1.490  1.00 0.00 ? 7  GLY A H    5 
ATOM   608 H HA2  . GLY A 1 6 ? 4.960   -0.721  -0.484 1.00 0.00 ? 7  GLY A HA2  5 
ATOM   609 H HA3  . GLY A 1 6 ? 5.094   -0.888  1.215  1.00 0.00 ? 7  GLY A HA3  5 
ATOM   610 N N    . GLY A 1 7 ? 4.229   -3.726  -0.523 1.00 0.00 ? 8  GLY A N    5 
ATOM   611 C CA   . GLY A 1 7 ? 4.639   -5.145  -0.635 1.00 0.00 ? 8  GLY A CA   5 
ATOM   612 C C    . GLY A 1 7 ? 3.479   -6.019  -1.140 1.00 0.00 ? 8  GLY A C    5 
ATOM   613 O O    . GLY A 1 7 ? 3.164   -5.999  -2.332 1.00 0.00 ? 8  GLY A O    5 
ATOM   614 H H    . GLY A 1 7 ? 3.349   -3.457  -0.991 1.00 0.00 ? 8  GLY A H    5 
ATOM   615 H HA2  . GLY A 1 7 ? 5.482   -5.226  -1.347 1.00 0.00 ? 8  GLY A HA2  5 
ATOM   616 H HA3  . GLY A 1 7 ? 5.031   -5.525  0.330  1.00 0.00 ? 8  GLY A HA3  5 
ATOM   617 N N    . CYS A 1 8 ? 2.847   -6.764  -0.214 1.00 0.00 ? 9  CYS A N    5 
ATOM   618 C CA   . CYS A 1 8 ? 1.709   -7.674  -0.518 1.00 0.00 ? 9  CYS A CA   5 
ATOM   619 C C    . CYS A 1 8 ? 1.159   -8.213  0.830  1.00 0.00 ? 9  CYS A C    5 
ATOM   620 O O    . CYS A 1 8 ? 1.814   -8.961  1.559  1.00 0.00 ? 9  CYS A O    5 
ATOM   621 C CB   . CYS A 1 8 ? 2.109   -8.857  -1.442 1.00 0.00 ? 9  CYS A CB   5 
ATOM   622 S SG   . CYS A 1 8 ? 0.660   -9.890  -1.845 1.00 0.00 ? 9  CYS A SG   5 
ATOM   623 H H    . CYS A 1 8 ? 3.221   -6.671  0.737  1.00 0.00 ? 9  CYS A H    5 
ATOM   624 H HA   . CYS A 1 8 ? 0.925   -7.087  -1.042 1.00 0.00 ? 9  CYS A HA   5 
ATOM   625 H HB2  . CYS A 1 8 ? 2.533   -8.489  -2.394 1.00 0.00 ? 9  CYS A HB2  5 
ATOM   626 H HB3  . CYS A 1 8 ? 2.894   -9.486  -0.981 1.00 0.00 ? 9  CYS A HB3  5 
ATOM   627 H HG   . CYS A 1 8 ? 0.615   -10.561 -0.698 1.00 0.00 ? 9  CYS A HG   5 
HETATM 628 N N    . NH2 A 1 9 ? -0.069  -7.858  1.189  1.00 0.00 ? 10 NH2 A N    5 
HETATM 629 H HN1  . NH2 A 1 9 ? -0.576  -7.242  0.544  1.00 0.00 ? 10 NH2 A HN1  5 
HETATM 630 H HN2  . NH2 A 1 9 ? -0.413  -8.235  2.079  1.00 0.00 ? 10 NH2 A HN2  5 
HETATM 631 N N    . MGG A 1 1 ? -4.036  2.735   -3.389 1.00 0.00 ? 2  MGG A N    6 
HETATM 632 C CA   . MGG A 1 1 ? -3.865  1.360   -2.833 1.00 0.00 ? 2  MGG A CA   6 
HETATM 633 C CB   . MGG A 1 1 ? -4.869  0.363   -3.482 1.00 0.00 ? 2  MGG A CB   6 
HETATM 634 C CG   . MGG A 1 1 ? -4.640  -0.004  -4.970 1.00 0.00 ? 2  MGG A CG   6 
HETATM 635 C CD   . MGG A 1 1 ? -3.293  -0.674  -5.332 1.00 0.00 ? 2  MGG A CD   6 
HETATM 636 N NE   . MGG A 1 1 ? -3.064  -1.960  -4.618 1.00 0.00 ? 2  MGG A NE   6 
HETATM 637 C CZ   . MGG A 1 1 ? -2.080  -2.193  -3.727 1.00 0.00 ? 2  MGG A CZ   6 
HETATM 638 N NH1  . MGG A 1 1 ? -1.125  -1.321  -3.417 1.00 0.00 ? 2  MGG A NH1  6 
HETATM 639 N NH2  . MGG A 1 1 ? -2.062  -3.364  -3.120 1.00 0.00 ? 2  MGG A NH2  6 
HETATM 640 C C3   . MGG A 1 1 ? -3.086  3.681   -3.292 1.00 0.00 ? 2  MGG A C3   6 
HETATM 641 O O3   . MGG A 1 1 ? -2.012  3.507   -2.715 1.00 0.00 ? 2  MGG A O3   6 
HETATM 642 C C2   . MGG A 1 1 ? -3.398  5.045   -3.920 1.00 0.00 ? 2  MGG A C2   6 
HETATM 643 C C1   . MGG A 1 1 ? -2.619  5.252   -5.218 1.00 0.00 ? 2  MGG A C1   6 
HETATM 644 O O12  . MGG A 1 1 ? -3.068  4.976   -6.330 1.00 0.00 ? 2  MGG A O12  6 
HETATM 645 O O1   . MGG A 1 1 ? -1.373  5.777   -5.001 1.00 0.00 ? 2  MGG A O1   6 
HETATM 646 C C    . MGG A 1 1 ? -3.844  1.287   -1.273 1.00 0.00 ? 2  MGG A C    6 
HETATM 647 O O    . MGG A 1 1 ? -2.752  1.138   -0.717 1.00 0.00 ? 2  MGG A O    6 
HETATM 648 H H    . MGG A 1 1 ? -4.789  2.978   -4.046 1.00 0.00 ? 2  MGG A H    6 
HETATM 649 H HA   . MGG A 1 1 ? -2.859  1.014   -3.138 1.00 0.00 ? 2  MGG A HA   6 
HETATM 650 H HB2  . MGG A 1 1 ? -5.901  0.749   -3.359 1.00 0.00 ? 2  MGG A HB2  6 
HETATM 651 H HB3  . MGG A 1 1 ? -4.868  -0.581  -2.902 1.00 0.00 ? 2  MGG A HB3  6 
HETATM 652 H HG2  . MGG A 1 1 ? -4.756  0.909   -5.584 1.00 0.00 ? 2  MGG A HG2  6 
HETATM 653 H HG3  . MGG A 1 1 ? -5.465  -0.664  -5.298 1.00 0.00 ? 2  MGG A HG3  6 
HETATM 654 H HD2  . MGG A 1 1 ? -2.467  0.049   -5.192 1.00 0.00 ? 2  MGG A HD2  6 
HETATM 655 H HD3  . MGG A 1 1 ? -3.286  -0.882  -6.419 1.00 0.00 ? 2  MGG A HD3  6 
HETATM 656 H HE   . MGG A 1 1 ? -3.714  -2.745  -4.732 1.00 0.00 ? 2  MGG A HE   6 
HETATM 657 H HH11 . MGG A 1 1 ? -0.433  -1.623  -2.723 1.00 0.00 ? 2  MGG A HH11 6 
HETATM 658 H HH12 . MGG A 1 1 ? -1.158  -0.415  -3.895 1.00 0.00 ? 2  MGG A HH12 6 
HETATM 659 H HH21 . MGG A 1 1 ? -1.305  -3.521  -2.447 1.00 0.00 ? 2  MGG A HH21 6 
HETATM 660 H HH22 . MGG A 1 1 ? -2.807  -4.022  -3.372 1.00 0.00 ? 2  MGG A HH22 6 
HETATM 661 H H21  . MGG A 1 1 ? -3.142  5.842   -3.198 1.00 0.00 ? 2  MGG A H21  6 
HETATM 662 H H22  . MGG A 1 1 ? -4.481  5.170   -4.116 1.00 0.00 ? 2  MGG A H22  6 
HETATM 663 H H1   . MGG A 1 1 ? -0.901  5.896   -5.828 1.00 0.00 ? 2  MGG A H1   6 
HETATM 664 N N    . DGL A 1 2 ? -4.993  1.416   -0.567 1.00 0.00 ? 3  DGL A N    6 
HETATM 665 C CA   . DGL A 1 2 ? -5.065  1.345   0.928  1.00 0.00 ? 3  DGL A CA   6 
HETATM 666 C C    . DGL A 1 2 ? -4.081  2.258   1.727  1.00 0.00 ? 3  DGL A C    6 
HETATM 667 O O    . DGL A 1 2 ? -3.532  1.811   2.739  1.00 0.00 ? 3  DGL A O    6 
HETATM 668 C CB   . DGL A 1 2 ? -6.534  1.538   1.413  1.00 0.00 ? 3  DGL A CB   6 
HETATM 669 C CG   . DGL A 1 2 ? -7.528  0.380   1.142  1.00 0.00 ? 3  DGL A CG   6 
HETATM 670 C CD   . DGL A 1 2 ? -8.022  0.250   -0.303 1.00 0.00 ? 3  DGL A CD   6 
HETATM 671 O OE1  . DGL A 1 2 ? -8.878  1.059   -0.724 1.00 0.00 ? 3  DGL A OE1  6 
HETATM 672 O OE2  . DGL A 1 2 ? -7.561  -0.665  -1.021 1.00 0.00 ? 3  DGL A OE2  6 
HETATM 673 H H    . DGL A 1 2 ? -5.856  1.423   -1.121 1.00 0.00 ? 3  DGL A H    6 
HETATM 674 H HA   . DGL A 1 2 ? -4.775  0.314   1.197  1.00 0.00 ? 3  DGL A HA   6 
HETATM 675 H HB2  . DGL A 1 2 ? -6.944  2.490   1.026  1.00 0.00 ? 3  DGL A HB2  6 
HETATM 676 H HB3  . DGL A 1 2 ? -6.523  1.675   2.511  1.00 0.00 ? 3  DGL A HB3  6 
HETATM 677 H HG2  . DGL A 1 2 ? -8.416  0.518   1.786  1.00 0.00 ? 3  DGL A HG2  6 
HETATM 678 H HG3  . DGL A 1 2 ? -7.087  -0.579  1.473  1.00 0.00 ? 3  DGL A HG3  6 
ATOM   679 N N    . GLY A 1 3 ? -3.879  3.515   1.293  1.00 0.00 ? 4  GLY A N    6 
ATOM   680 C CA   . GLY A 1 3 ? -2.923  4.445   1.950  1.00 0.00 ? 4  GLY A CA   6 
ATOM   681 C C    . GLY A 1 3 ? -1.412  4.261   1.617  1.00 0.00 ? 4  GLY A C    6 
ATOM   682 O O    . GLY A 1 3 ? -0.583  4.751   2.387  1.00 0.00 ? 4  GLY A O    6 
ATOM   683 H H    . GLY A 1 3 ? -4.253  3.681   0.353  1.00 0.00 ? 4  GLY A H    6 
ATOM   684 H HA2  . GLY A 1 3 ? -3.202  5.476   1.669  1.00 0.00 ? 4  GLY A HA2  6 
ATOM   685 H HA3  . GLY A 1 3 ? -3.055  4.409   3.049  1.00 0.00 ? 4  GLY A HA3  6 
HETATM 686 N N    . DAR A 1 4 ? -1.056  3.600   0.494  1.00 0.00 ? 5  DAR A N    6 
HETATM 687 C CA   . DAR A 1 4 ? 0.355   3.354   0.092  1.00 0.00 ? 5  DAR A CA   6 
HETATM 688 C CB   . DAR A 1 4 ? 0.876   4.411   -0.923 1.00 0.00 ? 5  DAR A CB   6 
HETATM 689 C CG   . DAR A 1 4 ? 1.106   5.836   -0.365 1.00 0.00 ? 5  DAR A CG   6 
HETATM 690 C CD   . DAR A 1 4 ? 1.573   6.870   -1.411 1.00 0.00 ? 5  DAR A CD   6 
HETATM 691 N NE   . DAR A 1 4 ? 2.967   6.660   -1.884 1.00 0.00 ? 5  DAR A NE   6 
HETATM 692 C CZ   . DAR A 1 4 ? 3.314   6.088   -3.054 1.00 0.00 ? 5  DAR A CZ   6 
HETATM 693 N NH1  . DAR A 1 4 ? 2.443   5.625   -3.948 1.00 0.00 ? 5  DAR A NH1  6 
HETATM 694 N NH2  . DAR A 1 4 ? 4.599   5.977   -3.329 1.00 0.00 ? 5  DAR A NH2  6 
HETATM 695 C C    . DAR A 1 4 ? 0.396   1.914   -0.496 1.00 0.00 ? 5  DAR A C    6 
HETATM 696 O O    . DAR A 1 4 ? 0.198   1.706   -1.699 1.00 0.00 ? 5  DAR A O    6 
HETATM 697 H H    . DAR A 1 4 ? -1.835  3.129   0.014  1.00 0.00 ? 5  DAR A H    6 
HETATM 698 H HA   . DAR A 1 4 ? 1.022   3.386   0.979  1.00 0.00 ? 5  DAR A HA   6 
HETATM 699 H HB2  . DAR A 1 4 ? 0.193   4.465   -1.792 1.00 0.00 ? 5  DAR A HB2  6 
HETATM 700 H HB3  . DAR A 1 4 ? 1.834   4.050   -1.340 1.00 0.00 ? 5  DAR A HB3  6 
HETATM 701 H HG2  . DAR A 1 4 ? 1.822   5.799   0.479  1.00 0.00 ? 5  DAR A HG2  6 
HETATM 702 H HG3  . DAR A 1 4 ? 0.161   6.203   0.075  1.00 0.00 ? 5  DAR A HG3  6 
HETATM 703 H HD2  . DAR A 1 4 ? 1.528   7.875   -0.949 1.00 0.00 ? 5  DAR A HD2  6 
HETATM 704 H HD3  . DAR A 1 4 ? 0.849   6.925   -2.248 1.00 0.00 ? 5  DAR A HD3  6 
HETATM 705 H HE   . DAR A 1 4 ? 3.767   6.955   -1.311 1.00 0.00 ? 5  DAR A HE   6 
HETATM 706 H HH11 . DAR A 1 4 ? 2.834   5.206   -4.798 1.00 0.00 ? 5  DAR A HH11 6 
HETATM 707 H HH12 . DAR A 1 4 ? 1.451   5.713   -3.707 1.00 0.00 ? 5  DAR A HH12 6 
HETATM 708 H HH21 . DAR A 1 4 ? 4.843   5.535   -4.223 1.00 0.00 ? 5  DAR A HH21 6 
HETATM 709 H HH22 . DAR A 1 4 ? 5.251   6.337   -2.624 1.00 0.00 ? 5  DAR A HH22 6 
HETATM 710 N N    . DIL A 1 5 ? 0.663   0.915   0.371  1.00 0.00 ? 6  DIL A N    6 
HETATM 711 C CA   . DIL A 1 5 ? 0.721   -0.523  -0.034 1.00 0.00 ? 6  DIL A CA   6 
HETATM 712 C C    . DIL A 1 5 ? 2.193   -0.865  -0.423 1.00 0.00 ? 6  DIL A C    6 
HETATM 713 O O    . DIL A 1 5 ? 2.510   -0.937  -1.614 1.00 0.00 ? 6  DIL A O    6 
HETATM 714 C CB   . DIL A 1 5 ? 0.004   -1.471  1.004  1.00 0.00 ? 6  DIL A CB   6 
HETATM 715 C CG1  . DIL A 1 5 ? -1.491  -1.094  1.258  1.00 0.00 ? 6  DIL A CG1  6 
HETATM 716 C CG2  . DIL A 1 5 ? 0.088   -2.963  0.574  1.00 0.00 ? 6  DIL A CG2  6 
HETATM 717 C CD1  . DIL A 1 5 ? -2.159  -1.747  2.480  1.00 0.00 ? 6  DIL A CD1  6 
HETATM 718 H H    . DIL A 1 5 ? 0.777   1.211   1.346  1.00 0.00 ? 6  DIL A H    6 
HETATM 719 H HA   . DIL A 1 5 ? 0.146   -0.652  -0.964 1.00 0.00 ? 6  DIL A HA   6 
HETATM 720 H HB   . DIL A 1 5 ? 0.540   -1.373  1.968  1.00 0.00 ? 6  DIL A HB   6 
HETATM 721 H HG12 . DIL A 1 5 ? -2.095  -1.298  0.352  1.00 0.00 ? 6  DIL A HG12 6 
HETATM 722 H HG13 . DIL A 1 5 ? -1.580  -0.002  1.409  1.00 0.00 ? 6  DIL A HG13 6 
HETATM 723 H HG21 . DIL A 1 5 ? -0.354  -3.642  1.324  1.00 0.00 ? 6  DIL A HG21 6 
HETATM 724 H HG22 . DIL A 1 5 ? 1.133   -3.301  0.441  1.00 0.00 ? 6  DIL A HG22 6 
HETATM 725 H HG23 . DIL A 1 5 ? -0.434  -3.147  -0.384 1.00 0.00 ? 6  DIL A HG23 6 
HETATM 726 H HD11 . DIL A 1 5 ? -1.598  -1.542  3.409  1.00 0.00 ? 6  DIL A HD11 6 
HETATM 727 H HD12 . DIL A 1 5 ? -2.245  -2.843  2.373  1.00 0.00 ? 6  DIL A HD12 6 
HETATM 728 H HD13 . DIL A 1 5 ? -3.182  -1.356  2.625  1.00 0.00 ? 6  DIL A HD13 6 
ATOM   729 N N    . GLY A 1 6 ? 3.068   -1.083  0.573  1.00 0.00 ? 7  GLY A N    6 
ATOM   730 C CA   . GLY A 1 6 ? 4.493   -1.421  0.341  1.00 0.00 ? 7  GLY A CA   6 
ATOM   731 C C    . GLY A 1 6 ? 4.802   -2.937  0.107  1.00 0.00 ? 7  GLY A C    6 
ATOM   732 O O    . GLY A 1 6 ? 5.764   -3.404  0.722  1.00 0.00 ? 7  GLY A O    6 
ATOM   733 H H    . GLY A 1 6 ? 2.641   -0.991  1.501  1.00 0.00 ? 7  GLY A H    6 
ATOM   734 H HA2  . GLY A 1 6 ? 4.942   -0.783  -0.448 1.00 0.00 ? 7  GLY A HA2  6 
ATOM   735 H HA3  . GLY A 1 6 ? 5.058   -1.069  1.238  1.00 0.00 ? 7  GLY A HA3  6 
ATOM   736 N N    . GLY A 1 7 ? 4.069   -3.713  -0.744 1.00 0.00 ? 8  GLY A N    6 
ATOM   737 C CA   . GLY A 1 7 ? 4.380   -5.145  -0.948 1.00 0.00 ? 8  GLY A CA   6 
ATOM   738 C C    . GLY A 1 7 ? 3.506   -5.738  -2.066 1.00 0.00 ? 8  GLY A C    6 
ATOM   739 O O    . GLY A 1 7 ? 3.932   -5.764  -3.224 1.00 0.00 ? 8  GLY A O    6 
ATOM   740 H H    . GLY A 1 7 ? 3.204   -3.362  -1.184 1.00 0.00 ? 8  GLY A H    6 
ATOM   741 H HA2  . GLY A 1 7 ? 5.444   -5.270  -1.222 1.00 0.00 ? 8  GLY A HA2  6 
ATOM   742 H HA3  . GLY A 1 7 ? 4.245   -5.706  -0.003 1.00 0.00 ? 8  GLY A HA3  6 
ATOM   743 N N    . CYS A 1 8 ? 2.296   -6.210  -1.700 1.00 0.00 ? 9  CYS A N    6 
ATOM   744 C CA   . CYS A 1 8 ? 1.305   -6.818  -2.636 1.00 0.00 ? 9  CYS A CA   6 
ATOM   745 C C    . CYS A 1 8 ? 1.755   -8.192  -3.215 1.00 0.00 ? 9  CYS A C    6 
ATOM   746 O O    . CYS A 1 8 ? 2.562   -8.277  -4.143 1.00 0.00 ? 9  CYS A O    6 
ATOM   747 C CB   . CYS A 1 8 ? 0.810   -5.830  -3.721 1.00 0.00 ? 9  CYS A CB   6 
ATOM   748 S SG   . CYS A 1 8 ? -0.623  -6.522  -4.617 1.00 0.00 ? 9  CYS A SG   6 
ATOM   749 H H    . CYS A 1 8 ? 2.093   -6.117  -0.698 1.00 0.00 ? 9  CYS A H    6 
ATOM   750 H HA   . CYS A 1 8 ? 0.412   -6.999  -2.007 1.00 0.00 ? 9  CYS A HA   6 
ATOM   751 H HB2  . CYS A 1 8 ? 0.513   -4.863  -3.273 1.00 0.00 ? 9  CYS A HB2  6 
ATOM   752 H HB3  . CYS A 1 8 ? 1.609   -5.601  -4.452 1.00 0.00 ? 9  CYS A HB3  6 
ATOM   753 H HG   . CYS A 1 8 ? -1.462  -6.527  -3.583 1.00 0.00 ? 9  CYS A HG   6 
HETATM 754 N N    . NH2 A 1 9 ? 1.241   -9.297  -2.690 1.00 0.00 ? 10 NH2 A N    6 
HETATM 755 H HN1  . NH2 A 1 9 ? 1.555   -10.187 -3.094 1.00 0.00 ? 10 NH2 A HN1  6 
HETATM 756 H HN2  . NH2 A 1 9 ? 0.572   -9.172  -1.921 1.00 0.00 ? 10 NH2 A HN2  6 
HETATM 757 N N    . MGG A 1 1 ? -3.226  2.254   -3.275 1.00 0.00 ? 2  MGG A N    7 
HETATM 758 C CA   . MGG A 1 1 ? -3.613  0.976   -2.604 1.00 0.00 ? 2  MGG A CA   7 
HETATM 759 C CB   . MGG A 1 1 ? -4.797  0.274   -3.342 1.00 0.00 ? 2  MGG A CB   7 
HETATM 760 C CG   . MGG A 1 1 ? -4.516  -0.284  -4.758 1.00 0.00 ? 2  MGG A CG   7 
HETATM 761 C CD   . MGG A 1 1 ? -3.545  -1.484  -4.794 1.00 0.00 ? 2  MGG A CD   7 
HETATM 762 N NE   . MGG A 1 1 ? -3.352  -2.010  -6.170 1.00 0.00 ? 2  MGG A NE   7 
HETATM 763 C CZ   . MGG A 1 1 ? -2.388  -1.609  -7.024 1.00 0.00 ? 2  MGG A CZ   7 
HETATM 764 N NH1  . MGG A 1 1 ? -1.493  -0.662  -6.751 1.00 0.00 ? 2  MGG A NH1  7 
HETATM 765 N NH2  . MGG A 1 1 ? -2.331  -2.189  -8.208 1.00 0.00 ? 2  MGG A NH2  7 
HETATM 766 C C3   . MGG A 1 1 ? -2.146  2.366   -4.067 1.00 0.00 ? 2  MGG A C3   7 
HETATM 767 O O3   . MGG A 1 1 ? -1.377  1.433   -4.318 1.00 0.00 ? 2  MGG A O3   7 
HETATM 768 C C2   . MGG A 1 1 ? -1.894  3.746   -4.689 1.00 0.00 ? 2  MGG A C2   7 
HETATM 769 C C1   . MGG A 1 1 ? -0.934  4.600   -3.861 1.00 0.00 ? 2  MGG A C1   7 
HETATM 770 O O12  . MGG A 1 1 ? -1.296  5.562   -3.188 1.00 0.00 ? 2  MGG A O12  7 
HETATM 771 O O1   . MGG A 1 1 ? 0.367   4.181   -3.978 1.00 0.00 ? 2  MGG A O1   7 
HETATM 772 C C    . MGG A 1 1 ? -3.797  1.191   -1.071 1.00 0.00 ? 2  MGG A C    7 
HETATM 773 O O    . MGG A 1 1 ? -2.784  1.171   -0.367 1.00 0.00 ? 2  MGG A O    7 
HETATM 774 H H    . MGG A 1 1 ? -3.746  3.136   -3.183 1.00 0.00 ? 2  MGG A H    7 
HETATM 775 H HA   . MGG A 1 1 ? -2.766  0.266   -2.653 1.00 0.00 ? 2  MGG A HA   7 
HETATM 776 H HB2  . MGG A 1 1 ? -5.649  0.978   -3.403 1.00 0.00 ? 2  MGG A HB2  7 
HETATM 777 H HB3  . MGG A 1 1 ? -5.173  -0.558  -2.716 1.00 0.00 ? 2  MGG A HB3  7 
HETATM 778 H HG2  . MGG A 1 1 ? -4.140  0.530   -5.408 1.00 0.00 ? 2  MGG A HG2  7 
HETATM 779 H HG3  . MGG A 1 1 ? -5.480  -0.586  -5.208 1.00 0.00 ? 2  MGG A HG3  7 
HETATM 780 H HD2  . MGG A 1 1 ? -3.950  -2.301  -4.168 1.00 0.00 ? 2  MGG A HD2  7 
HETATM 781 H HD3  . MGG A 1 1 ? -2.573  -1.226  -4.330 1.00 0.00 ? 2  MGG A HD3  7 
HETATM 782 H HE   . MGG A 1 1 ? -3.958  -2.747  -6.543 1.00 0.00 ? 2  MGG A HE   7 
HETATM 783 H HH11 . MGG A 1 1 ? -0.812  -0.448  -7.487 1.00 0.00 ? 2  MGG A HH11 7 
HETATM 784 H HH12 . MGG A 1 1 ? -1.560  -0.219  -5.828 1.00 0.00 ? 2  MGG A HH12 7 
HETATM 785 H HH21 . MGG A 1 1 ? -1.590  -1.867  -8.840 1.00 0.00 ? 2  MGG A HH21 7 
HETATM 786 H HH22 . MGG A 1 1 ? -3.031  -2.914  -8.397 1.00 0.00 ? 2  MGG A HH22 7 
HETATM 787 H H21  . MGG A 1 1 ? -2.842  4.296   -4.837 1.00 0.00 ? 2  MGG A H21  7 
HETATM 788 H H22  . MGG A 1 1 ? -1.480  3.615   -5.707 1.00 0.00 ? 2  MGG A H22  7 
HETATM 789 H H1   . MGG A 1 1 ? 0.435   3.389   -4.513 1.00 0.00 ? 2  MGG A H1   7 
HETATM 790 N N    . DGL A 1 2 ? -5.031  1.408   -0.542 1.00 0.00 ? 3  DGL A N    7 
HETATM 791 C CA   . DGL A 1 2 ? -5.306  1.598   0.918  1.00 0.00 ? 3  DGL A CA   7 
HETATM 792 C C    . DGL A 1 2 ? -4.316  2.449   1.777  1.00 0.00 ? 3  DGL A C    7 
HETATM 793 O O    . DGL A 1 2 ? -3.918  2.004   2.859  1.00 0.00 ? 3  DGL A O    7 
HETATM 794 C CB   . DGL A 1 2 ? -6.789  2.056   1.062  1.00 0.00 ? 3  DGL A CB   7 
HETATM 795 C CG   . DGL A 1 2 ? -7.406  2.018   2.482  1.00 0.00 ? 3  DGL A CG   7 
HETATM 796 C CD   . DGL A 1 2 ? -7.570  0.612   3.069  1.00 0.00 ? 3  DGL A CD   7 
HETATM 797 O OE1  . DGL A 1 2 ? -8.591  -0.049  2.779  1.00 0.00 ? 3  DGL A OE1  7 
HETATM 798 O OE2  . DGL A 1 2 ? -6.678  0.164   3.823  1.00 0.00 ? 3  DGL A OE2  7 
HETATM 799 H H    . DGL A 1 2 ? -5.813  1.198   -1.172 1.00 0.00 ? 3  DGL A H    7 
HETATM 800 H HA   . DGL A 1 2 ? -5.246  0.585   1.344  1.00 0.00 ? 3  DGL A HA   7 
HETATM 801 H HB2  . DGL A 1 2 ? -7.440  1.450   0.401  1.00 0.00 ? 3  DGL A HB2  7 
HETATM 802 H HB3  . DGL A 1 2 ? -6.884  3.088   0.672  1.00 0.00 ? 3  DGL A HB3  7 
HETATM 803 H HG2  . DGL A 1 2 ? -8.401  2.501   2.454  1.00 0.00 ? 3  DGL A HG2  7 
HETATM 804 H HG3  . DGL A 1 2 ? -6.810  2.641   3.177  1.00 0.00 ? 3  DGL A HG3  7 
ATOM   805 N N    . GLY A 1 3 ? -3.946  3.650   1.308  1.00 0.00 ? 4  GLY A N    7 
ATOM   806 C CA   . GLY A 1 3 ? -2.980  4.519   2.033  1.00 0.00 ? 4  GLY A CA   7 
ATOM   807 C C    . GLY A 1 3 ? -1.463  4.288   1.779  1.00 0.00 ? 4  GLY A C    7 
ATOM   808 O O    . GLY A 1 3 ? -0.665  4.696   2.627  1.00 0.00 ? 4  GLY A O    7 
ATOM   809 H H    . GLY A 1 3 ? -4.243  3.807   0.341  1.00 0.00 ? 4  GLY A H    7 
ATOM   810 H HA2  . GLY A 1 3 ? -3.201  5.567   1.761  1.00 0.00 ? 4  GLY A HA2  7 
ATOM   811 H HA3  . GLY A 1 3 ? -3.170  4.478   3.123  1.00 0.00 ? 4  GLY A HA3  7 
HETATM 812 N N    . DAR A 1 4 ? -1.062  3.651   0.658  1.00 0.00 ? 5  DAR A N    7 
HETATM 813 C CA   . DAR A 1 4 ? 0.362   3.370   0.329  1.00 0.00 ? 5  DAR A CA   7 
HETATM 814 C CB   . DAR A 1 4 ? 1.066   4.544   -0.418 1.00 0.00 ? 5  DAR A CB   7 
HETATM 815 C CG   . DAR A 1 4 ? 1.373   5.838   0.376  1.00 0.00 ? 5  DAR A CG   7 
HETATM 816 C CD   . DAR A 1 4 ? 2.390   5.720   1.531  1.00 0.00 ? 5  DAR A CD   7 
HETATM 817 N NE   . DAR A 1 4 ? 3.764   5.429   1.049  1.00 0.00 ? 5  DAR A NE   7 
HETATM 818 C CZ   . DAR A 1 4 ? 4.851   5.363   1.838  1.00 0.00 ? 5  DAR A CZ   7 
HETATM 819 N NH1  . DAR A 1 4 ? 6.011   5.092   1.270  1.00 0.00 ? 5  DAR A NH1  7 
HETATM 820 N NH2  . DAR A 1 4 ? 4.828   5.554   3.154  1.00 0.00 ? 5  DAR A NH2  7 
HETATM 821 C C    . DAR A 1 4 ? 0.357   2.081   -0.544 1.00 0.00 ? 5  DAR A C    7 
HETATM 822 O O    . DAR A 1 4 ? 0.178   2.141   -1.765 1.00 0.00 ? 5  DAR A O    7 
HETATM 823 H H    . DAR A 1 4 ? -1.824  3.212   0.124  1.00 0.00 ? 5  DAR A H    7 
HETATM 824 H HA   . DAR A 1 4 ? 0.929   3.161   1.258  1.00 0.00 ? 5  DAR A HA   7 
HETATM 825 H HB2  . DAR A 1 4 ? 0.458   4.825   -1.299 1.00 0.00 ? 5  DAR A HB2  7 
HETATM 826 H HB3  . DAR A 1 4 ? 2.018   4.180   -0.851 1.00 0.00 ? 5  DAR A HB3  7 
HETATM 827 H HG2  . DAR A 1 4 ? 0.426   6.245   0.774  1.00 0.00 ? 5  DAR A HG2  7 
HETATM 828 H HG3  . DAR A 1 4 ? 1.723   6.610   -0.334 1.00 0.00 ? 5  DAR A HG3  7 
HETATM 829 H HD2  . DAR A 1 4 ? 2.065   4.946   2.252  1.00 0.00 ? 5  DAR A HD2  7 
HETATM 830 H HD3  . DAR A 1 4 ? 2.390   6.673   2.095  1.00 0.00 ? 5  DAR A HD3  7 
HETATM 831 H HE   . DAR A 1 4 ? 3.952   5.256   0.056  1.00 0.00 ? 5  DAR A HE   7 
HETATM 832 H HH11 . DAR A 1 4 ? 6.825   5.037   1.892  1.00 0.00 ? 5  DAR A HH11 7 
HETATM 833 H HH12 . DAR A 1 4 ? 6.001   4.944   0.255  1.00 0.00 ? 5  DAR A HH12 7 
HETATM 834 H HH21 . DAR A 1 4 ? 5.724   5.467   3.647  1.00 0.00 ? 5  DAR A HH21 7 
HETATM 835 H HH22 . DAR A 1 4 ? 3.913   5.757   3.573  1.00 0.00 ? 5  DAR A HH22 7 
HETATM 836 N N    . DIL A 1 5 ? 0.564   0.913   0.093  1.00 0.00 ? 6  DIL A N    7 
HETATM 837 C CA   . DIL A 1 5 ? 0.580   -0.413  -0.605 1.00 0.00 ? 6  DIL A CA   7 
HETATM 838 C C    . DIL A 1 5 ? 2.051   -0.918  -0.795 1.00 0.00 ? 6  DIL A C    7 
HETATM 839 O O    . DIL A 1 5 ? 2.459   -1.941  -0.237 1.00 0.00 ? 6  DIL A O    7 
HETATM 840 C CB   . DIL A 1 5 ? -0.436  -1.393  0.095  1.00 0.00 ? 6  DIL A CB   7 
HETATM 841 C CG1  . DIL A 1 5 ? -0.723  -2.654  -0.773 1.00 0.00 ? 6  DIL A CG1  7 
HETATM 842 C CG2  . DIL A 1 5 ? -0.090  -1.765  1.562  1.00 0.00 ? 6  DIL A CG2  7 
HETATM 843 C CD1  . DIL A 1 5 ? -2.004  -3.427  -0.413 1.00 0.00 ? 6  DIL A CD1  7 
HETATM 844 H H    . DIL A 1 5 ? 0.722   1.007   1.101  1.00 0.00 ? 6  DIL A H    7 
HETATM 845 H HA   . DIL A 1 5 ? 0.179   -0.280  -1.631 1.00 0.00 ? 6  DIL A HA   7 
HETATM 846 H HB   . DIL A 1 5 ? -1.396  -0.846  0.145  1.00 0.00 ? 6  DIL A HB   7 
HETATM 847 H HG12 . DIL A 1 5 ? 0.144   -3.343  -0.741 1.00 0.00 ? 6  DIL A HG12 7 
HETATM 848 H HG13 . DIL A 1 5 ? -0.813  -2.359  -1.836 1.00 0.00 ? 6  DIL A HG13 7 
HETATM 849 H HG21 . DIL A 1 5 ? 0.104   -0.870  2.180  1.00 0.00 ? 6  DIL A HG21 7 
HETATM 850 H HG22 . DIL A 1 5 ? 0.807   -2.407  1.635  1.00 0.00 ? 6  DIL A HG22 7 
HETATM 851 H HG23 . DIL A 1 5 ? -0.916  -2.307  2.055  1.00 0.00 ? 6  DIL A HG23 7 
HETATM 852 H HD11 . DIL A 1 5 ? -2.166  -4.271  -1.107 1.00 0.00 ? 6  DIL A HD11 7 
HETATM 853 H HD12 . DIL A 1 5 ? -2.899  -2.781  -0.466 1.00 0.00 ? 6  DIL A HD12 7 
HETATM 854 H HD13 . DIL A 1 5 ? -1.960  -3.852  0.607  1.00 0.00 ? 6  DIL A HD13 7 
ATOM   855 N N    . GLY A 1 6 ? 2.845   -0.196  -1.616 1.00 0.00 ? 7  GLY A N    7 
ATOM   856 C CA   . GLY A 1 6 ? 4.269   -0.547  -1.869 1.00 0.00 ? 7  GLY A CA   7 
ATOM   857 C C    . GLY A 1 6 ? 5.281   -0.374  -0.685 1.00 0.00 ? 7  GLY A C    7 
ATOM   858 O O    . GLY A 1 6 ? 6.397   -0.881  -0.827 1.00 0.00 ? 7  GLY A O    7 
ATOM   859 H H    . GLY A 1 6 ? 2.418   0.674   -1.951 1.00 0.00 ? 7  GLY A H    7 
ATOM   860 H HA2  . GLY A 1 6 ? 4.328   -1.590  -2.257 1.00 0.00 ? 7  GLY A HA2  7 
ATOM   861 H HA3  . GLY A 1 6 ? 4.628   0.031   -2.747 1.00 0.00 ? 7  GLY A HA3  7 
ATOM   862 N N    . GLY A 1 7 ? 4.962   0.320   0.443  1.00 0.00 ? 8  GLY A N    7 
ATOM   863 C CA   . GLY A 1 7 ? 5.901   0.472   1.575  1.00 0.00 ? 8  GLY A CA   7 
ATOM   864 C C    . GLY A 1 7 ? 5.214   1.209   2.740  1.00 0.00 ? 8  GLY A C    7 
ATOM   865 O O    . GLY A 1 7 ? 5.530   2.373   2.997  1.00 0.00 ? 8  GLY A O    7 
ATOM   866 H H    . GLY A 1 7 ? 4.000   0.670   0.573  1.00 0.00 ? 8  GLY A H    7 
ATOM   867 H HA2  . GLY A 1 7 ? 6.269   -0.517  1.912  1.00 0.00 ? 8  GLY A HA2  7 
ATOM   868 H HA3  . GLY A 1 7 ? 6.795   1.038   1.251  1.00 0.00 ? 8  GLY A HA3  7 
ATOM   869 N N    . CYS A 1 8 ? 4.318   0.508   3.463  1.00 0.00 ? 9  CYS A N    7 
ATOM   870 C CA   . CYS A 1 8 ? 3.544   1.079   4.597  1.00 0.00 ? 9  CYS A CA   7 
ATOM   871 C C    . CYS A 1 8 ? 2.761   -0.079  5.276  1.00 0.00 ? 9  CYS A C    7 
ATOM   872 O O    . CYS A 1 8 ? 1.862   -0.697  4.700  1.00 0.00 ? 9  CYS A O    7 
ATOM   873 C CB   . CYS A 1 8 ? 2.547   2.174   4.128  1.00 0.00 ? 9  CYS A CB   7 
ATOM   874 S SG   . CYS A 1 8 ? 1.639   2.876   5.544  1.00 0.00 ? 9  CYS A SG   7 
ATOM   875 H H    . CYS A 1 8 ? 4.177   -0.458  3.151  1.00 0.00 ? 9  CYS A H    7 
ATOM   876 H HA   . CYS A 1 8 ? 4.250   1.541   5.318  1.00 0.00 ? 9  CYS A HA   7 
ATOM   877 H HB2  . CYS A 1 8 ? 3.071   3.001   3.613  1.00 0.00 ? 9  CYS A HB2  7 
ATOM   878 H HB3  . CYS A 1 8 ? 1.820   1.770   3.396  1.00 0.00 ? 9  CYS A HB3  7 
ATOM   879 H HG   . CYS A 1 8 ? 0.860   3.681   4.827  1.00 0.00 ? 9  CYS A HG   7 
HETATM 880 N N    . NH2 A 1 9 ? 3.082   -0.397  6.523  1.00 0.00 ? 10 NH2 A N    7 
HETATM 881 H HN1  . NH2 A 1 9 ? 3.840   0.144   6.955  1.00 0.00 ? 10 NH2 A HN1  7 
HETATM 882 H HN2  . NH2 A 1 9 ? 2.555   -1.167  6.951  1.00 0.00 ? 10 NH2 A HN2  7 
# 
loop_
_pdbx_poly_seq_scheme.asym_id 
_pdbx_poly_seq_scheme.entity_id 
_pdbx_poly_seq_scheme.seq_id 
_pdbx_poly_seq_scheme.mon_id 
_pdbx_poly_seq_scheme.ndb_seq_num 
_pdbx_poly_seq_scheme.pdb_seq_num 
_pdbx_poly_seq_scheme.auth_seq_num 
_pdbx_poly_seq_scheme.pdb_mon_id 
_pdbx_poly_seq_scheme.auth_mon_id 
_pdbx_poly_seq_scheme.pdb_strand_id 
_pdbx_poly_seq_scheme.pdb_ins_code 
_pdbx_poly_seq_scheme.hetero 
A 1 1 MGG 1 2  2  MGG DAR A . n 
A 1 2 DGL 2 3  3  DGL DGL A . n 
A 1 3 GLY 3 4  4  GLY GLY A . n 
A 1 4 DAR 4 5  5  DAR DAR A . n 
A 1 5 DIL 5 6  6  DIL DIL A . n 
A 1 6 GLY 6 7  7  GLY GLY A . n 
A 1 7 GLY 7 8  8  GLY GLY A . n 
A 1 8 CYS 8 9  9  CYS CYS A . n 
A 1 9 NH2 9 10 10 NH2 NH2 A . n 
# 
loop_
_pdbx_struct_mod_residue.id 
_pdbx_struct_mod_residue.label_asym_id 
_pdbx_struct_mod_residue.label_comp_id 
_pdbx_struct_mod_residue.label_seq_id 
_pdbx_struct_mod_residue.auth_asym_id 
_pdbx_struct_mod_residue.auth_comp_id 
_pdbx_struct_mod_residue.auth_seq_id 
_pdbx_struct_mod_residue.PDB_ins_code 
_pdbx_struct_mod_residue.parent_comp_id 
_pdbx_struct_mod_residue.details 
1 A MGG 1 A MGG 2 ? ARG ?                 
2 A DGL 2 A DGL 3 ? GLU 'D-GLUTAMIC ACID' 
3 A DAR 4 A DAR 5 ? ARG D-ARGININE        
4 A DIL 5 A DIL 6 ? ILE D-ISOLEUCINE      
# 
_pdbx_struct_assembly.id                   1 
_pdbx_struct_assembly.details              author_defined_assembly 
_pdbx_struct_assembly.method_details       ? 
_pdbx_struct_assembly.oligomeric_details   monomeric 
_pdbx_struct_assembly.oligomeric_count     1 
# 
_pdbx_struct_assembly_gen.assembly_id       1 
_pdbx_struct_assembly_gen.oper_expression   1 
_pdbx_struct_assembly_gen.asym_id_list      A 
# 
_pdbx_struct_oper_list.id                   1 
_pdbx_struct_oper_list.type                 'identity operation' 
_pdbx_struct_oper_list.name                 1_555 
_pdbx_struct_oper_list.symmetry_operation   x,y,z 
_pdbx_struct_oper_list.matrix[1][1]         1.0000000000 
_pdbx_struct_oper_list.matrix[1][2]         0.0000000000 
_pdbx_struct_oper_list.matrix[1][3]         0.0000000000 
_pdbx_struct_oper_list.vector[1]            0.0000000000 
_pdbx_struct_oper_list.matrix[2][1]         0.0000000000 
_pdbx_struct_oper_list.matrix[2][2]         1.0000000000 
_pdbx_struct_oper_list.matrix[2][3]         0.0000000000 
_pdbx_struct_oper_list.vector[2]            0.0000000000 
_pdbx_struct_oper_list.matrix[3][1]         0.0000000000 
_pdbx_struct_oper_list.matrix[3][2]         0.0000000000 
_pdbx_struct_oper_list.matrix[3][3]         1.0000000000 
_pdbx_struct_oper_list.vector[3]            0.0000000000 
# 
loop_
_pdbx_audit_revision_history.ordinal 
_pdbx_audit_revision_history.data_content_type 
_pdbx_audit_revision_history.major_revision 
_pdbx_audit_revision_history.minor_revision 
_pdbx_audit_revision_history.revision_date 
1 'Structure model' 1 0 1999-09-02 
2 'Structure model' 1 1 2008-04-27 
3 'Structure model' 1 2 2011-07-13 
4 'Structure model' 1 3 2022-02-16 
# 
_pdbx_audit_revision_details.ordinal             1 
_pdbx_audit_revision_details.revision_ordinal    1 
_pdbx_audit_revision_details.data_content_type   'Structure model' 
_pdbx_audit_revision_details.provider            repository 
_pdbx_audit_revision_details.type                'Initial release' 
_pdbx_audit_revision_details.description         ? 
_pdbx_audit_revision_details.details             ? 
# 
loop_
_pdbx_audit_revision_group.ordinal 
_pdbx_audit_revision_group.revision_ordinal 
_pdbx_audit_revision_group.data_content_type 
_pdbx_audit_revision_group.group 
1 2 'Structure model' 'Version format compliance' 
2 3 'Structure model' 'Version format compliance' 
3 4 'Structure model' 'Data collection'           
4 4 'Structure model' 'Database references'       
5 4 'Structure model' 'Derived calculations'      
# 
loop_
_pdbx_audit_revision_category.ordinal 
_pdbx_audit_revision_category.revision_ordinal 
_pdbx_audit_revision_category.data_content_type 
_pdbx_audit_revision_category.category 
1 4 'Structure model' database_2            
2 4 'Structure model' pdbx_nmr_software     
3 4 'Structure model' pdbx_struct_assembly  
4 4 'Structure model' pdbx_struct_oper_list 
5 4 'Structure model' struct_conn           
6 4 'Structure model' struct_site           
# 
loop_
_pdbx_audit_revision_item.ordinal 
_pdbx_audit_revision_item.revision_ordinal 
_pdbx_audit_revision_item.data_content_type 
_pdbx_audit_revision_item.item 
1 4 'Structure model' '_database_2.pdbx_DOI'                
2 4 'Structure model' '_database_2.pdbx_database_accession' 
3 4 'Structure model' '_pdbx_nmr_software.name'             
4 4 'Structure model' '_struct_conn.pdbx_leaving_atom_flag' 
5 4 'Structure model' '_struct_site.pdbx_auth_asym_id'      
6 4 'Structure model' '_struct_site.pdbx_auth_comp_id'      
7 4 'Structure model' '_struct_site.pdbx_auth_seq_id'       
# 
loop_
_pdbx_validate_rmsd_angle.id 
_pdbx_validate_rmsd_angle.PDB_model_num 
_pdbx_validate_rmsd_angle.auth_atom_id_1 
_pdbx_validate_rmsd_angle.auth_asym_id_1 
_pdbx_validate_rmsd_angle.auth_comp_id_1 
_pdbx_validate_rmsd_angle.auth_seq_id_1 
_pdbx_validate_rmsd_angle.PDB_ins_code_1 
_pdbx_validate_rmsd_angle.label_alt_id_1 
_pdbx_validate_rmsd_angle.auth_atom_id_2 
_pdbx_validate_rmsd_angle.auth_asym_id_2 
_pdbx_validate_rmsd_angle.auth_comp_id_2 
_pdbx_validate_rmsd_angle.auth_seq_id_2 
_pdbx_validate_rmsd_angle.PDB_ins_code_2 
_pdbx_validate_rmsd_angle.label_alt_id_2 
_pdbx_validate_rmsd_angle.auth_atom_id_3 
_pdbx_validate_rmsd_angle.auth_asym_id_3 
_pdbx_validate_rmsd_angle.auth_comp_id_3 
_pdbx_validate_rmsd_angle.auth_seq_id_3 
_pdbx_validate_rmsd_angle.PDB_ins_code_3 
_pdbx_validate_rmsd_angle.label_alt_id_3 
_pdbx_validate_rmsd_angle.angle_value 
_pdbx_validate_rmsd_angle.angle_target_value 
_pdbx_validate_rmsd_angle.angle_deviation 
_pdbx_validate_rmsd_angle.angle_standard_deviation 
_pdbx_validate_rmsd_angle.linker_flag 
1 1 NE A DAR 5 ? ? CZ A DAR 5 ? ? NH2 A DAR 5 ? ? 124.05 120.30 3.75 0.50 N 
2 2 NE A DAR 5 ? ? CZ A DAR 5 ? ? NH2 A DAR 5 ? ? 124.25 120.30 3.95 0.50 N 
3 3 NE A DAR 5 ? ? CZ A DAR 5 ? ? NH2 A DAR 5 ? ? 124.15 120.30 3.85 0.50 N 
4 4 NE A DAR 5 ? ? CZ A DAR 5 ? ? NH2 A DAR 5 ? ? 124.18 120.30 3.88 0.50 N 
5 5 NE A DAR 5 ? ? CZ A DAR 5 ? ? NH2 A DAR 5 ? ? 124.09 120.30 3.79 0.50 N 
6 6 NE A DAR 5 ? ? CZ A DAR 5 ? ? NH1 A DAR 5 ? ? 124.18 120.30 3.88 0.50 N 
7 7 NE A DAR 5 ? ? CZ A DAR 5 ? ? NH2 A DAR 5 ? ? 124.05 120.30 3.75 0.50 N 
# 
loop_
_pdbx_validate_torsion.id 
_pdbx_validate_torsion.PDB_model_num 
_pdbx_validate_torsion.auth_comp_id 
_pdbx_validate_torsion.auth_asym_id 
_pdbx_validate_torsion.auth_seq_id 
_pdbx_validate_torsion.PDB_ins_code 
_pdbx_validate_torsion.label_alt_id 
_pdbx_validate_torsion.phi 
_pdbx_validate_torsion.psi 
1 1 DIL A 6 ? ? 71.06  72.99  
2 5 DIL A 6 ? ? 91.15  76.22  
3 6 DIL A 6 ? ? 91.31  78.58  
4 7 DIL A 6 ? ? 102.80 -65.70 
# 
